data_5KPO
#
_entry.id   5KPO
#
_cell.length_a   48.340
_cell.length_b   92.360
_cell.length_c   163.440
_cell.angle_alpha   90.00
_cell.angle_beta   90.00
_cell.angle_gamma   90.00
#
_symmetry.space_group_name_H-M   'P 21 21 21'
#
loop_
_entity.id
_entity.type
_entity.pdbx_description
1 polymer 'Poly [ADP-ribose] polymerase 1'
2 non-polymer 1-[[3-(4-ethyl-3-oxidanylidene-piperazin-1-yl)carbonyl-4-fluoranyl-phenyl]methyl]quinazoline-2,4-dione
#
_entity_poly.entity_id   1
_entity_poly.type   'polypeptide(L)'
_entity_poly.pdbx_seq_one_letter_code
;HMKSKLPKPVQDLIKMIFDVESMKKAMVEYEIDLQKMPLGKLSKRQIQAAYSILSEVQQAVSQGSSDSQILDLSNRFYTL
IPHDFGMKKPPLLNNADSVQAKAEMLDNLLDIEVAYSLLRGGSDDSSKDPIDVNYEKLKTDIKVVDRDSEEAEIIRKYVK
NTHATTHNAYDLEVIDIFKIEREGECQRYKPFKQLHNRRLLWHGSRTTNFAGILSQGLRIAPPEAPVTGYMFGKGIYFAD
MVSKSANYCHTSQGDPIGLILLGEVALGNMYELKHASHISKLPKGKHSVKGLGKTTPDPSANISLDGVDVPLGTGISSGV
NDTSLLYNEYIVYDIAQVNLKYLLKLKFNFKT
;
_entity_poly.pdbx_strand_id   A,B
#
# COMPACT_ATOMS: atom_id res chain seq x y z
N HIS A 1 -0.51 -37.81 -40.85
CA HIS A 1 -1.41 -36.61 -40.91
C HIS A 1 -1.04 -35.68 -42.07
N MET A 2 -1.91 -34.70 -42.34
CA MET A 2 -1.80 -33.81 -43.50
C MET A 2 -0.51 -32.96 -43.55
N LYS A 3 0.09 -32.68 -42.38
CA LYS A 3 1.42 -32.01 -42.23
C LYS A 3 1.38 -30.48 -42.01
N SER A 4 0.19 -29.88 -42.02
CA SER A 4 -0.06 -28.48 -41.60
C SER A 4 0.54 -27.38 -42.51
N LYS A 5 -0.34 -26.55 -43.04
CA LYS A 5 0.02 -25.49 -43.99
C LYS A 5 0.23 -24.11 -43.34
N LEU A 6 0.29 -24.06 -42.00
CA LEU A 6 0.65 -22.84 -41.28
C LEU A 6 2.11 -22.47 -41.55
N PRO A 7 2.44 -21.16 -41.57
CA PRO A 7 3.85 -20.74 -41.66
C PRO A 7 4.71 -21.32 -40.54
N LYS A 8 6.00 -21.50 -40.81
CA LYS A 8 6.90 -22.16 -39.83
C LYS A 8 6.98 -21.40 -38.49
N PRO A 9 7.07 -20.05 -38.53
CA PRO A 9 7.05 -19.28 -37.28
C PRO A 9 5.83 -19.53 -36.40
N VAL A 10 4.65 -19.63 -37.00
CA VAL A 10 3.40 -19.90 -36.27
C VAL A 10 3.40 -21.33 -35.71
N GLN A 11 4.00 -22.27 -36.43
CA GLN A 11 4.09 -23.67 -35.95
C GLN A 11 5.01 -23.83 -34.74
N ASP A 12 6.17 -23.18 -34.80
CA ASP A 12 7.11 -23.17 -33.67
C ASP A 12 6.53 -22.49 -32.43
N LEU A 13 5.75 -21.43 -32.63
CA LEU A 13 5.02 -20.76 -31.55
C LEU A 13 4.06 -21.70 -30.82
N ILE A 14 3.25 -22.43 -31.58
CA ILE A 14 2.28 -23.39 -31.02
C ILE A 14 2.96 -24.50 -30.21
N LYS A 15 4.04 -25.08 -30.76
CA LYS A 15 4.86 -26.08 -30.02
C LYS A 15 5.34 -25.52 -28.69
N MET A 16 5.84 -24.29 -28.73
CA MET A 16 6.42 -23.61 -27.58
C MET A 16 5.40 -23.47 -26.44
N ILE A 17 4.25 -22.87 -26.75
CA ILE A 17 3.28 -22.51 -25.71
C ILE A 17 2.46 -23.70 -25.21
N PHE A 18 2.30 -24.74 -26.03
CA PHE A 18 1.62 -25.97 -25.60
C PHE A 18 2.57 -27.08 -25.11
N ASP A 19 3.84 -26.74 -24.88
CA ASP A 19 4.81 -27.71 -24.38
C ASP A 19 4.49 -28.15 -22.95
N VAL A 20 4.23 -29.44 -22.78
CA VAL A 20 3.79 -30.02 -21.51
C VAL A 20 4.93 -30.06 -20.48
N GLU A 21 6.13 -30.43 -20.92
CA GLU A 21 7.30 -30.46 -20.03
C GLU A 21 7.70 -29.07 -19.52
N SER A 22 7.46 -28.04 -20.34
CA SER A 22 7.71 -26.66 -19.93
C SER A 22 6.77 -26.24 -18.79
N MET A 23 5.51 -26.68 -18.87
CA MET A 23 4.54 -26.40 -17.81
C MET A 23 4.99 -27.03 -16.49
N LYS A 24 5.48 -28.28 -16.57
CA LYS A 24 6.05 -28.98 -15.41
C LYS A 24 7.30 -28.29 -14.88
N LYS A 25 8.18 -27.89 -15.79
CA LYS A 25 9.38 -27.12 -15.43
C LYS A 25 9.04 -25.82 -14.72
N ALA A 26 7.96 -25.15 -15.16
CA ALA A 26 7.53 -23.92 -14.51
C ALA A 26 6.99 -24.22 -13.12
N MET A 27 6.20 -25.29 -12.99
CA MET A 27 5.61 -25.63 -11.69
C MET A 27 6.68 -25.88 -10.61
N VAL A 28 7.66 -26.72 -10.93
CA VAL A 28 8.78 -26.98 -10.02
C VAL A 28 9.64 -25.74 -9.69
N GLU A 29 9.71 -24.76 -10.59
CA GLU A 29 10.35 -23.47 -10.28
C GLU A 29 9.69 -22.73 -9.11
N TYR A 30 8.39 -22.95 -8.93
CA TYR A 30 7.64 -22.43 -7.78
C TYR A 30 7.64 -23.39 -6.57
N GLU A 31 8.48 -24.42 -6.63
CA GLU A 31 8.63 -25.41 -5.56
C GLU A 31 7.36 -26.22 -5.28
N ILE A 32 6.60 -26.54 -6.33
CA ILE A 32 5.39 -27.36 -6.22
C ILE A 32 5.78 -28.83 -6.37
N ASP A 33 5.11 -29.70 -5.63
CA ASP A 33 5.34 -31.13 -5.72
C ASP A 33 4.40 -31.76 -6.76
N LEU A 34 4.98 -32.15 -7.91
CA LEU A 34 4.24 -32.82 -8.98
C LEU A 34 3.82 -34.26 -8.66
N GLN A 35 4.43 -34.86 -7.64
CA GLN A 35 3.98 -36.14 -7.08
C GLN A 35 2.58 -36.00 -6.47
N LYS A 36 2.41 -35.01 -5.59
CA LYS A 36 1.14 -34.76 -4.91
C LYS A 36 0.16 -33.92 -5.72
N MET A 37 0.69 -32.90 -6.41
CA MET A 37 -0.11 -31.99 -7.24
C MET A 37 0.46 -31.96 -8.65
N PRO A 38 0.19 -33.01 -9.43
CA PRO A 38 0.63 -32.99 -10.83
C PRO A 38 -0.20 -32.04 -11.69
N LEU A 39 0.25 -31.87 -12.92
CA LEU A 39 -0.37 -30.97 -13.88
C LEU A 39 -1.84 -31.33 -14.16
N GLY A 40 -2.12 -32.63 -14.22
CA GLY A 40 -3.48 -33.13 -14.43
C GLY A 40 -4.48 -32.88 -13.32
N LYS A 41 -4.02 -32.92 -12.07
CA LYS A 41 -4.88 -32.67 -10.90
C LYS A 41 -5.17 -31.17 -10.61
N LEU A 42 -4.51 -30.29 -11.36
CA LEU A 42 -4.62 -28.84 -11.18
C LEU A 42 -6.01 -28.36 -11.58
N SER A 43 -6.62 -27.50 -10.77
CA SER A 43 -7.95 -26.95 -11.08
C SER A 43 -8.18 -25.56 -10.50
N LYS A 44 -9.18 -24.86 -11.04
CA LYS A 44 -9.48 -23.48 -10.65
C LYS A 44 -9.94 -23.33 -9.21
N ARG A 45 -10.76 -24.27 -8.73
CA ARG A 45 -11.34 -24.17 -7.38
C ARG A 45 -10.30 -24.40 -6.28
N GLN A 46 -9.29 -25.22 -6.58
CA GLN A 46 -8.12 -25.39 -5.69
C GLN A 46 -7.27 -24.13 -5.66
N ILE A 47 -7.05 -23.55 -6.84
CA ILE A 47 -6.28 -22.30 -6.96
C ILE A 47 -6.97 -21.14 -6.26
N GLN A 48 -8.30 -21.05 -6.40
CA GLN A 48 -9.10 -20.02 -5.73
C GLN A 48 -9.11 -20.20 -4.22
N ALA A 49 -9.23 -21.46 -3.77
CA ALA A 49 -9.17 -21.79 -2.35
C ALA A 49 -7.83 -21.38 -1.74
N ALA A 50 -6.76 -21.62 -2.50
CA ALA A 50 -5.40 -21.27 -2.08
C ALA A 50 -5.25 -19.76 -1.98
N TYR A 51 -5.74 -19.06 -2.99
CA TYR A 51 -5.82 -17.60 -2.97
C TYR A 51 -6.43 -17.11 -1.66
N SER A 52 -7.57 -17.71 -1.28
CA SER A 52 -8.31 -17.31 -0.07
C SER A 52 -7.51 -17.52 1.22
N ILE A 53 -6.77 -18.62 1.30
CA ILE A 53 -5.88 -18.85 2.45
C ILE A 53 -4.77 -17.80 2.44
N LEU A 54 -4.30 -17.45 1.24
CA LEU A 54 -3.30 -16.40 1.08
C LEU A 54 -3.85 -15.05 1.52
N SER A 55 -5.14 -14.80 1.25
CA SER A 55 -5.84 -13.63 1.79
C SER A 55 -5.91 -13.60 3.33
N GLU A 56 -6.08 -14.77 3.95
CA GLU A 56 -6.07 -14.86 5.41
C GLU A 56 -4.69 -14.60 6.00
N VAL A 57 -3.64 -15.02 5.29
CA VAL A 57 -2.25 -14.75 5.70
C VAL A 57 -1.96 -13.25 5.61
N GLN A 58 -2.40 -12.63 4.52
CA GLN A 58 -2.40 -11.16 4.37
C GLN A 58 -3.00 -10.45 5.59
N GLN A 59 -4.15 -10.94 6.05
CA GLN A 59 -4.87 -10.37 7.19
C GLN A 59 -4.04 -10.39 8.48
N ALA A 60 -3.47 -11.56 8.78
CA ALA A 60 -2.65 -11.75 9.98
C ALA A 60 -1.35 -10.95 9.96
N VAL A 61 -0.78 -10.75 8.77
CA VAL A 61 0.43 -9.92 8.59
C VAL A 61 0.11 -8.44 8.82
N SER A 62 -1.00 -7.97 8.27
CA SER A 62 -1.47 -6.59 8.46
C SER A 62 -1.82 -6.21 9.90
N GLN A 63 -2.11 -7.20 10.74
CA GLN A 63 -2.44 -6.95 12.17
C GLN A 63 -1.45 -7.59 13.17
N GLY A 64 -0.23 -7.88 12.72
CA GLY A 64 0.83 -8.39 13.61
C GLY A 64 0.52 -9.71 14.28
N SER A 66 1.29 -12.66 15.30
CA SER A 66 2.17 -13.59 16.01
C SER A 66 2.62 -14.71 15.08
N ASP A 67 3.82 -15.24 15.34
CA ASP A 67 4.32 -16.44 14.63
C ASP A 67 3.58 -17.74 15.02
N SER A 68 2.82 -17.70 16.12
CA SER A 68 1.97 -18.84 16.52
C SER A 68 0.76 -19.01 15.61
N GLN A 69 -0.02 -17.94 15.42
CA GLN A 69 -1.23 -18.01 14.58
C GLN A 69 -0.91 -18.07 13.10
N ILE A 70 0.14 -17.34 12.68
CA ILE A 70 0.66 -17.40 11.30
C ILE A 70 0.99 -18.83 10.86
N LEU A 71 1.57 -19.62 11.78
CA LEU A 71 1.93 -21.02 11.49
C LEU A 71 0.77 -21.82 10.92
N ASP A 72 -0.39 -21.69 11.54
CA ASP A 72 -1.58 -22.45 11.15
C ASP A 72 -2.09 -22.01 9.78
N LEU A 73 -2.07 -20.71 9.52
CA LEU A 73 -2.50 -20.16 8.23
C LEU A 73 -1.52 -20.54 7.12
N SER A 74 -0.23 -20.45 7.43
CA SER A 74 0.85 -20.88 6.54
C SER A 74 0.73 -22.36 6.15
N ASN A 75 0.47 -23.22 7.13
CA ASN A 75 0.29 -24.67 6.89
C ASN A 75 -0.94 -25.03 6.05
N ARG A 76 -2.04 -24.31 6.26
CA ARG A 76 -3.27 -24.53 5.49
C ARG A 76 -3.05 -24.20 4.01
N PHE A 77 -2.20 -23.21 3.73
CA PHE A 77 -1.84 -22.89 2.35
C PHE A 77 -1.11 -24.05 1.68
N TYR A 78 -0.12 -24.61 2.36
CA TYR A 78 0.65 -25.75 1.84
C TYR A 78 -0.19 -27.04 1.71
N THR A 79 -1.26 -27.14 2.49
CA THR A 79 -2.24 -28.22 2.34
C THR A 79 -2.94 -28.17 0.97
N LEU A 80 -3.33 -26.97 0.54
CA LEU A 80 -4.08 -26.82 -0.71
C LEU A 80 -3.20 -26.90 -1.96
N ILE A 81 -2.04 -26.25 -1.92
CA ILE A 81 -1.04 -26.35 -2.97
C ILE A 81 0.21 -27.02 -2.38
N PRO A 82 0.33 -28.36 -2.55
CA PRO A 82 1.49 -29.13 -2.06
C PRO A 82 2.84 -28.66 -2.62
N HIS A 83 3.79 -28.42 -1.72
CA HIS A 83 5.15 -28.03 -2.11
C HIS A 83 6.14 -29.16 -1.80
N ASP A 84 7.27 -29.15 -2.51
CA ASP A 84 8.27 -30.20 -2.41
C ASP A 84 9.35 -29.84 -1.40
N PHE A 85 9.18 -30.34 -0.17
CA PHE A 85 10.16 -30.15 0.90
C PHE A 85 10.54 -31.45 1.67
N GLY A 86 10.10 -32.62 1.19
CA GLY A 86 10.40 -33.90 1.85
C GLY A 86 9.62 -34.11 3.14
N MET A 87 10.30 -34.53 4.20
CA MET A 87 9.75 -34.55 5.57
C MET A 87 10.10 -33.28 6.36
N LYS A 88 10.46 -32.24 5.60
CA LYS A 88 10.13 -30.83 5.81
C LYS A 88 10.06 -30.17 7.19
N LYS A 89 8.89 -29.62 7.57
CA LYS A 89 8.75 -28.27 8.13
C LYS A 89 9.05 -27.27 7.00
N PRO A 90 8.01 -26.84 6.23
CA PRO A 90 8.24 -25.88 5.15
C PRO A 90 8.51 -24.47 5.67
N PRO A 91 9.03 -23.57 4.81
CA PRO A 91 9.31 -22.21 5.27
C PRO A 91 8.04 -21.43 5.58
N LEU A 92 8.08 -20.64 6.66
CA LEU A 92 6.92 -19.90 7.14
C LEU A 92 6.56 -18.74 6.21
N LEU A 93 5.25 -18.57 5.94
CA LEU A 93 4.74 -17.43 5.17
C LEU A 93 4.30 -16.36 6.17
N ASN A 94 5.21 -15.44 6.50
CA ASN A 94 5.00 -14.47 7.59
C ASN A 94 5.13 -12.99 7.22
N ASN A 95 5.38 -12.68 5.95
CA ASN A 95 5.62 -11.30 5.50
C ASN A 95 4.88 -10.98 4.20
N ALA A 96 4.95 -9.70 3.80
CA ALA A 96 4.37 -9.23 2.55
C ALA A 96 5.01 -9.87 1.32
N ASP A 97 6.31 -10.13 1.38
CA ASP A 97 7.04 -10.76 0.28
C ASP A 97 6.56 -12.18 0.00
N SER A 98 6.33 -12.94 1.08
CA SER A 98 5.77 -14.28 0.99
C SER A 98 4.39 -14.28 0.31
N VAL A 99 3.58 -13.26 0.61
CA VAL A 99 2.25 -13.11 0.00
C VAL A 99 2.36 -12.78 -1.50
N GLN A 100 3.19 -11.80 -1.83
CA GLN A 100 3.42 -11.40 -3.23
C GLN A 100 3.95 -12.57 -4.08
N ALA A 101 4.90 -13.31 -3.54
CA ALA A 101 5.52 -14.43 -4.25
C ALA A 101 4.55 -15.58 -4.57
N LYS A 102 3.74 -15.97 -3.59
CA LYS A 102 2.75 -17.03 -3.79
C LYS A 102 1.54 -16.57 -4.61
N ALA A 103 1.25 -15.27 -4.58
CA ALA A 103 0.22 -14.69 -5.46
C ALA A 103 0.62 -14.78 -6.93
N GLU A 104 1.87 -14.43 -7.21
CA GLU A 104 2.44 -14.50 -8.55
C GLU A 104 2.55 -15.94 -9.09
N MET A 105 2.75 -16.90 -8.19
CA MET A 105 2.70 -18.31 -8.54
C MET A 105 1.28 -18.73 -8.95
N LEU A 106 0.31 -18.41 -8.11
CA LEU A 106 -1.09 -18.77 -8.37
C LEU A 106 -1.63 -18.09 -9.63
N ASP A 107 -1.20 -16.86 -9.89
CA ASP A 107 -1.46 -16.20 -11.19
C ASP A 107 -1.04 -17.06 -12.36
N ASN A 108 0.20 -17.56 -12.28
CA ASN A 108 0.74 -18.44 -13.31
C ASN A 108 0.02 -19.78 -13.39
N LEU A 109 -0.32 -20.38 -12.25
CA LEU A 109 -1.07 -21.65 -12.23
C LEU A 109 -2.42 -21.57 -12.95
N LEU A 110 -3.13 -20.44 -12.79
CA LEU A 110 -4.38 -20.18 -13.53
C LEU A 110 -4.18 -20.29 -15.05
N ASP A 111 -3.14 -19.65 -15.55
CA ASP A 111 -2.80 -19.70 -16.98
C ASP A 111 -2.36 -21.09 -17.43
N ILE A 112 -1.63 -21.81 -16.58
CA ILE A 112 -1.22 -23.19 -16.91
C ILE A 112 -2.42 -24.14 -16.94
N GLU A 113 -3.36 -23.97 -16.00
CA GLU A 113 -4.56 -24.81 -15.95
C GLU A 113 -5.39 -24.67 -17.23
N VAL A 114 -5.53 -23.45 -17.73
CA VAL A 114 -6.25 -23.19 -18.99
C VAL A 114 -5.53 -23.87 -20.17
N ALA A 115 -4.21 -23.74 -20.21
CA ALA A 115 -3.40 -24.33 -21.28
C ALA A 115 -3.56 -25.84 -21.32
N TYR A 116 -3.43 -26.46 -20.15
CA TYR A 116 -3.57 -27.90 -20.04
C TYR A 116 -5.00 -28.39 -20.30
N SER A 117 -6.01 -27.62 -19.89
CA SER A 117 -7.41 -28.00 -20.09
C SER A 117 -7.82 -27.98 -21.57
N LEU A 118 -7.31 -27.00 -22.31
CA LEU A 118 -7.43 -27.01 -23.77
C LEU A 118 -6.76 -28.25 -24.36
N LEU A 119 -5.58 -28.57 -23.85
CA LEU A 119 -4.80 -29.72 -24.32
C LEU A 119 -5.55 -31.05 -24.14
N ARG A 120 -6.15 -31.25 -22.96
CA ARG A 120 -6.87 -32.49 -22.64
C ARG A 120 -8.39 -32.44 -22.83
N GLY A 121 -8.92 -31.27 -23.20
CA GLY A 121 -10.30 -31.15 -23.68
C GLY A 121 -10.36 -31.38 -25.18
N GLY A 122 -11.55 -31.29 -25.76
CA GLY A 122 -11.70 -31.41 -27.22
C GLY A 122 -11.48 -32.80 -27.78
N SER A 123 -11.12 -32.86 -29.07
CA SER A 123 -11.12 -34.11 -29.84
C SER A 123 -9.73 -34.59 -30.29
N ASP A 124 -9.69 -35.86 -30.69
CA ASP A 124 -8.46 -36.57 -31.00
C ASP A 124 -8.56 -37.19 -32.40
N ASP A 125 -8.01 -36.46 -33.39
CA ASP A 125 -7.95 -36.91 -34.77
C ASP A 125 -6.49 -37.13 -35.18
N SER A 126 -6.11 -38.38 -35.40
CA SER A 126 -4.76 -38.74 -35.87
C SER A 126 -4.47 -38.28 -37.31
N SER A 127 -5.52 -38.06 -38.11
CA SER A 127 -5.38 -37.58 -39.48
C SER A 127 -5.17 -36.06 -39.59
N LYS A 128 -5.24 -35.34 -38.47
CA LYS A 128 -4.86 -33.91 -38.42
C LYS A 128 -3.53 -33.75 -37.72
N ASP A 129 -2.75 -32.76 -38.17
CA ASP A 129 -1.51 -32.38 -37.51
C ASP A 129 -1.88 -31.72 -36.19
N PRO A 130 -1.39 -32.24 -35.04
CA PRO A 130 -1.75 -31.61 -33.76
C PRO A 130 -1.41 -30.10 -33.63
N ILE A 131 -0.47 -29.62 -34.43
CA ILE A 131 -0.14 -28.19 -34.52
C ILE A 131 -1.40 -27.41 -34.91
N ASP A 132 -2.07 -27.84 -35.98
CA ASP A 132 -3.34 -27.26 -36.41
C ASP A 132 -4.43 -27.41 -35.35
N VAL A 133 -4.51 -28.58 -34.74
CA VAL A 133 -5.52 -28.86 -33.72
C VAL A 133 -5.39 -27.87 -32.57
N ASN A 134 -4.19 -27.79 -32.02
CA ASN A 134 -3.91 -26.87 -30.93
C ASN A 134 -3.99 -25.40 -31.30
N TYR A 135 -3.67 -25.07 -32.55
CA TYR A 135 -3.83 -23.70 -33.06
C TYR A 135 -5.30 -23.26 -33.01
N GLU A 136 -6.22 -24.16 -33.34
CA GLU A 136 -7.66 -23.85 -33.37
C GLU A 136 -8.25 -23.61 -31.96
N LYS A 137 -7.66 -24.25 -30.96
CA LYS A 137 -8.11 -24.11 -29.58
C LYS A 137 -7.84 -22.72 -28.97
N LEU A 138 -6.88 -21.99 -29.53
CA LEU A 138 -6.55 -20.65 -29.07
C LEU A 138 -7.57 -19.57 -29.49
N LYS A 139 -8.37 -19.86 -30.52
CA LYS A 139 -9.40 -18.94 -31.03
C LYS A 139 -8.82 -17.55 -31.32
N THR A 140 -7.66 -17.57 -31.97
CA THR A 140 -6.87 -16.40 -32.24
C THR A 140 -6.30 -16.56 -33.63
N ASP A 141 -6.42 -15.51 -34.44
CA ASP A 141 -5.80 -15.47 -35.76
C ASP A 141 -4.38 -14.94 -35.59
N ILE A 142 -3.39 -15.76 -35.95
CA ILE A 142 -1.99 -15.41 -35.84
C ILE A 142 -1.43 -15.39 -37.26
N LYS A 143 -0.93 -14.23 -37.68
CA LYS A 143 -0.28 -14.05 -38.98
C LYS A 143 1.13 -13.52 -38.74
N VAL A 144 2.06 -13.92 -39.60
CA VAL A 144 3.45 -13.45 -39.52
C VAL A 144 3.55 -12.09 -40.18
N VAL A 145 4.14 -11.13 -39.48
CA VAL A 145 4.40 -9.80 -40.01
C VAL A 145 5.68 -9.85 -40.86
N ASP A 146 5.66 -9.14 -41.99
CA ASP A 146 6.80 -9.08 -42.92
C ASP A 146 7.86 -8.12 -42.36
N ARG A 147 9.11 -8.57 -42.33
CA ARG A 147 10.24 -7.80 -41.77
C ARG A 147 10.48 -6.42 -42.41
N ASP A 148 10.09 -6.25 -43.68
CA ASP A 148 10.25 -4.97 -44.39
C ASP A 148 9.11 -3.97 -44.20
N SER A 149 7.94 -4.42 -43.73
CA SER A 149 6.77 -3.54 -43.57
C SER A 149 7.00 -2.40 -42.57
N GLU A 150 6.20 -1.35 -42.68
CA GLU A 150 6.32 -0.18 -41.79
C GLU A 150 6.01 -0.52 -40.33
N GLU A 151 4.97 -1.33 -40.10
CA GLU A 151 4.62 -1.78 -38.74
C GLU A 151 5.74 -2.61 -38.08
N ALA A 152 6.49 -3.37 -38.87
CA ALA A 152 7.67 -4.09 -38.38
C ALA A 152 8.81 -3.15 -37.97
N GLU A 153 9.04 -2.12 -38.78
CA GLU A 153 10.08 -1.11 -38.50
C GLU A 153 9.81 -0.33 -37.22
N ILE A 154 8.55 0.06 -37.02
CA ILE A 154 8.12 0.77 -35.82
C ILE A 154 8.30 -0.11 -34.58
N ILE A 155 7.88 -1.36 -34.69
CA ILE A 155 7.95 -2.31 -33.58
C ILE A 155 9.39 -2.60 -33.17
N ARG A 156 10.26 -2.87 -34.15
CA ARG A 156 11.69 -3.09 -33.88
C ARG A 156 12.36 -1.87 -33.25
N LYS A 157 11.93 -0.67 -33.65
CA LYS A 157 12.43 0.58 -33.08
C LYS A 157 11.97 0.76 -31.63
N TYR A 158 10.73 0.37 -31.33
CA TYR A 158 10.18 0.36 -29.97
C TYR A 158 10.99 -0.57 -29.06
N VAL A 159 11.34 -1.74 -29.59
CA VAL A 159 12.22 -2.69 -28.89
C VAL A 159 13.62 -2.10 -28.70
N LYS A 160 14.16 -1.52 -29.77
CA LYS A 160 15.50 -0.95 -29.80
C LYS A 160 15.68 0.24 -28.84
N ASN A 161 14.70 1.14 -28.81
CA ASN A 161 14.84 2.41 -28.09
C ASN A 161 14.47 2.40 -26.61
N THR A 162 13.78 1.36 -26.14
CA THR A 162 13.23 1.36 -24.78
C THR A 162 13.78 0.25 -23.87
N HIS A 163 15.00 -0.21 -24.17
CA HIS A 163 15.74 -1.09 -23.27
C HIS A 163 16.44 -0.22 -22.25
N ALA A 164 16.22 -0.49 -20.97
CA ALA A 164 16.75 0.34 -19.87
C ALA A 164 18.20 -0.01 -19.59
N THR A 165 18.99 0.99 -19.17
CA THR A 165 20.38 0.76 -18.78
C THR A 165 20.49 -0.18 -17.59
N THR A 166 19.55 -0.09 -16.64
CA THR A 166 19.53 -0.97 -15.47
C THR A 166 19.12 -2.43 -15.78
N HIS A 167 18.68 -2.70 -17.01
CA HIS A 167 18.39 -4.06 -17.47
C HIS A 167 19.36 -4.49 -18.58
N ASN A 168 20.62 -4.08 -18.47
CA ASN A 168 21.64 -4.36 -19.51
C ASN A 168 22.43 -5.68 -19.32
N ALA A 169 22.01 -6.53 -18.39
CA ALA A 169 22.53 -7.91 -18.30
C ALA A 169 22.20 -8.76 -19.53
N TYR A 170 21.22 -8.33 -20.33
CA TYR A 170 20.91 -8.94 -21.62
C TYR A 170 20.57 -7.87 -22.66
N ASP A 171 20.60 -8.25 -23.94
CA ASP A 171 19.85 -7.49 -24.96
C ASP A 171 19.01 -8.43 -25.82
N LEU A 172 18.10 -7.83 -26.60
CA LEU A 172 17.03 -8.55 -27.27
C LEU A 172 17.15 -8.49 -28.79
N GLU A 173 17.03 -9.63 -29.46
CA GLU A 173 16.78 -9.67 -30.90
C GLU A 173 15.32 -10.08 -31.10
N VAL A 174 14.67 -9.46 -32.07
CA VAL A 174 13.35 -9.88 -32.50
C VAL A 174 13.55 -11.03 -33.48
N ILE A 175 12.98 -12.19 -33.18
CA ILE A 175 13.00 -13.31 -34.12
C ILE A 175 11.81 -13.20 -35.07
N ASP A 176 10.60 -13.32 -34.53
CA ASP A 176 9.37 -13.28 -35.30
C ASP A 176 8.46 -12.23 -34.71
N ILE A 177 7.70 -11.55 -35.58
CA ILE A 177 6.65 -10.64 -35.16
C ILE A 177 5.32 -11.18 -35.69
N PHE A 178 4.39 -11.47 -34.78
CA PHE A 178 3.06 -11.92 -35.14
C PHE A 178 2.05 -10.80 -34.95
N LYS A 179 1.13 -10.66 -35.91
CA LYS A 179 -0.07 -9.84 -35.76
C LYS A 179 -1.13 -10.82 -35.28
N ILE A 180 -1.78 -10.49 -34.15
CA ILE A 180 -2.77 -11.37 -33.52
C ILE A 180 -4.12 -10.70 -33.33
N GLU A 181 -5.17 -11.52 -33.33
CA GLU A 181 -6.54 -11.05 -33.22
C GLU A 181 -7.36 -12.12 -32.50
N ARG A 182 -7.62 -11.90 -31.21
CA ARG A 182 -8.40 -12.84 -30.43
C ARG A 182 -9.87 -12.70 -30.80
N GLU A 183 -10.55 -13.84 -30.79
CA GLU A 183 -11.95 -13.92 -31.16
C GLU A 183 -12.76 -13.08 -30.17
N GLY A 184 -13.58 -12.17 -30.71
CA GLY A 184 -14.50 -11.36 -29.91
C GLY A 184 -13.90 -10.18 -29.16
N GLU A 185 -12.60 -9.96 -29.27
CA GLU A 185 -11.92 -8.94 -28.47
C GLU A 185 -12.16 -7.53 -29.04
N CYS A 186 -12.06 -7.40 -30.37
CA CYS A 186 -12.40 -6.13 -31.06
C CYS A 186 -13.83 -5.65 -30.77
N GLN A 187 -14.75 -6.62 -30.65
CA GLN A 187 -16.13 -6.35 -30.25
C GLN A 187 -16.20 -5.87 -28.80
N ARG A 188 -15.48 -6.55 -27.91
CA ARG A 188 -15.41 -6.21 -26.49
C ARG A 188 -14.75 -4.83 -26.24
N TYR A 189 -13.81 -4.46 -27.13
CA TYR A 189 -13.10 -3.19 -27.06
C TYR A 189 -13.87 -1.98 -27.60
N LYS A 190 -15.03 -2.21 -28.22
CA LYS A 190 -15.75 -1.18 -28.99
C LYS A 190 -16.10 0.11 -28.21
N PRO A 191 -16.53 -0.02 -26.94
CA PRO A 191 -16.79 1.19 -26.12
C PRO A 191 -15.56 2.08 -25.87
N PHE A 192 -14.36 1.51 -25.94
CA PHE A 192 -13.13 2.24 -25.67
C PHE A 192 -12.30 2.55 -26.92
N LYS A 193 -12.80 2.20 -28.11
CA LYS A 193 -11.99 2.31 -29.33
C LYS A 193 -11.60 3.73 -29.73
N GLN A 194 -12.39 4.73 -29.30
CA GLN A 194 -12.12 6.14 -29.58
C GLN A 194 -11.79 6.96 -28.33
N LEU A 195 -11.55 6.28 -27.20
CA LEU A 195 -11.22 6.98 -25.96
C LEU A 195 -9.87 7.66 -26.11
N HIS A 196 -9.71 8.84 -25.52
CA HIS A 196 -8.42 9.54 -25.53
C HIS A 196 -7.35 8.76 -24.76
N ASN A 197 -6.09 9.04 -25.07
CA ASN A 197 -4.93 8.38 -24.47
C ASN A 197 -4.98 6.84 -24.64
N ARG A 198 -4.92 6.44 -25.91
CA ARG A 198 -4.77 5.04 -26.28
C ARG A 198 -3.31 4.80 -26.65
N ARG A 199 -2.70 3.81 -26.02
CA ARG A 199 -1.26 3.62 -26.09
C ARG A 199 -0.89 2.15 -26.34
N LEU A 200 0.14 1.94 -27.15
CA LEU A 200 0.61 0.62 -27.50
C LEU A 200 1.69 0.27 -26.49
N LEU A 201 1.39 -0.67 -25.60
CA LEU A 201 2.24 -0.96 -24.46
C LEU A 201 2.58 -2.44 -24.35
N TRP A 202 3.70 -2.70 -23.70
CA TRP A 202 4.27 -4.04 -23.59
C TRP A 202 3.63 -4.80 -22.45
N HIS A 203 3.53 -6.12 -22.62
CA HIS A 203 3.19 -7.03 -21.54
C HIS A 203 3.96 -8.33 -21.74
N GLY A 204 4.93 -8.59 -20.87
CA GLY A 204 5.70 -9.83 -20.92
C GLY A 204 5.16 -10.82 -19.90
N SER A 205 5.30 -12.10 -20.22
CA SER A 205 4.89 -13.17 -19.33
C SER A 205 5.75 -14.36 -19.72
N ARG A 206 5.87 -15.35 -18.86
CA ARG A 206 6.59 -16.55 -19.25
C ARG A 206 5.79 -17.32 -20.30
N THR A 207 6.50 -18.08 -21.11
CA THR A 207 5.93 -18.71 -22.31
C THR A 207 4.80 -19.70 -21.96
N THR A 208 4.87 -20.30 -20.78
CA THR A 208 3.82 -21.21 -20.31
C THR A 208 2.49 -20.52 -19.93
N ASN A 209 2.44 -19.19 -19.93
CA ASN A 209 1.18 -18.46 -19.74
C ASN A 209 0.42 -18.15 -21.04
N PHE A 210 1.08 -18.30 -22.19
CA PHE A 210 0.56 -17.70 -23.44
C PHE A 210 -0.61 -18.42 -24.09
N ALA A 211 -0.72 -19.73 -23.91
CA ALA A 211 -1.92 -20.44 -24.36
C ALA A 211 -3.11 -19.90 -23.60
N GLY A 212 -2.97 -19.77 -22.28
CA GLY A 212 -4.00 -19.15 -21.44
C GLY A 212 -4.34 -17.72 -21.83
N ILE A 213 -3.32 -16.91 -22.08
CA ILE A 213 -3.51 -15.50 -22.48
C ILE A 213 -4.19 -15.39 -23.85
N LEU A 214 -3.76 -16.18 -24.83
CA LEU A 214 -4.34 -16.12 -26.16
C LEU A 214 -5.75 -16.72 -26.21
N SER A 215 -6.08 -17.67 -25.35
CA SER A 215 -7.45 -18.20 -25.31
C SER A 215 -8.38 -17.29 -24.51
N GLN A 216 -7.97 -16.93 -23.28
CA GLN A 216 -8.81 -16.13 -22.38
C GLN A 216 -8.57 -14.62 -22.40
N GLY A 217 -7.51 -14.15 -23.06
CA GLY A 217 -7.10 -12.75 -22.99
C GLY A 217 -6.38 -12.47 -21.68
N LEU A 218 -5.87 -11.25 -21.55
CA LEU A 218 -5.35 -10.76 -20.28
C LEU A 218 -6.53 -10.51 -19.36
N ARG A 219 -6.43 -11.03 -18.14
CA ARG A 219 -7.54 -11.05 -17.18
C ARG A 219 -7.16 -10.39 -15.86
N ILE A 220 -8.15 -10.24 -14.98
CA ILE A 220 -7.95 -9.71 -13.64
C ILE A 220 -7.95 -10.88 -12.67
N ALA A 221 -7.04 -10.84 -11.70
CA ALA A 221 -6.98 -11.87 -10.66
C ALA A 221 -8.30 -11.89 -9.89
N PRO A 222 -8.81 -13.10 -9.56
CA PRO A 222 -10.18 -13.22 -9.03
C PRO A 222 -10.38 -12.59 -7.64
N PRO A 223 -11.63 -12.47 -7.18
CA PRO A 223 -11.92 -11.86 -5.86
C PRO A 223 -11.15 -12.48 -4.70
N GLU A 224 -10.94 -13.80 -4.75
CA GLU A 224 -10.23 -14.56 -3.72
C GLU A 224 -8.76 -14.12 -3.52
N ALA A 225 -8.12 -13.57 -4.55
CA ALA A 225 -6.70 -13.20 -4.49
C ALA A 225 -6.44 -12.02 -3.54
N PRO A 226 -5.31 -12.04 -2.82
CA PRO A 226 -4.99 -10.95 -1.91
C PRO A 226 -4.58 -9.68 -2.66
N VAL A 227 -5.41 -8.65 -2.56
CA VAL A 227 -5.16 -7.36 -3.22
C VAL A 227 -3.82 -6.71 -2.77
N THR A 228 -3.39 -6.99 -1.54
CA THR A 228 -2.07 -6.58 -1.03
C THR A 228 -0.91 -7.18 -1.83
N GLY A 229 -1.11 -8.35 -2.44
CA GLY A 229 -0.10 -8.99 -3.29
C GLY A 229 0.29 -8.29 -4.59
N TYR A 230 -0.47 -7.25 -4.98
CA TYR A 230 -0.25 -6.52 -6.23
C TYR A 230 -0.06 -5.03 -5.94
N MET A 231 0.96 -4.41 -6.53
CA MET A 231 1.38 -3.03 -6.19
C MET A 231 0.28 -1.97 -6.38
N PHE A 232 -0.47 -2.08 -7.47
CA PHE A 232 -1.58 -1.16 -7.76
C PHE A 232 -2.92 -1.91 -7.86
N GLY A 233 -3.11 -2.89 -6.98
CA GLY A 233 -4.33 -3.67 -6.95
C GLY A 233 -4.43 -4.64 -8.11
N LYS A 234 -5.62 -5.23 -8.24
CA LYS A 234 -5.88 -6.30 -9.20
C LYS A 234 -6.40 -5.75 -10.52
N GLY A 235 -5.49 -5.64 -11.47
CA GLY A 235 -5.77 -5.14 -12.82
C GLY A 235 -4.84 -5.80 -13.81
N ILE A 236 -4.81 -5.28 -15.02
CA ILE A 236 -3.88 -5.74 -16.07
C ILE A 236 -2.77 -4.71 -16.20
N TYR A 237 -1.52 -5.17 -16.09
CA TYR A 237 -0.32 -4.32 -15.97
C TYR A 237 0.45 -4.28 -17.29
N PHE A 238 0.86 -3.09 -17.70
CA PHE A 238 1.67 -2.88 -18.89
C PHE A 238 2.84 -1.93 -18.63
N ALA A 239 3.88 -2.02 -19.45
CA ALA A 239 5.02 -1.10 -19.38
C ALA A 239 5.22 -0.42 -20.74
N ASP A 240 5.81 0.78 -20.72
CA ASP A 240 6.26 1.45 -21.96
C ASP A 240 7.74 1.23 -22.29
N MET A 241 8.49 0.60 -21.38
CA MET A 241 9.88 0.22 -21.62
C MET A 241 9.93 -1.29 -21.83
N VAL A 242 10.47 -1.73 -22.97
CA VAL A 242 10.43 -3.16 -23.35
C VAL A 242 11.13 -4.10 -22.36
N SER A 243 12.24 -3.64 -21.77
CA SER A 243 13.05 -4.48 -20.89
C SER A 243 12.33 -4.76 -19.57
N LYS A 244 11.55 -3.79 -19.09
CA LYS A 244 10.71 -3.95 -17.90
C LYS A 244 9.69 -5.08 -18.06
N SER A 245 9.03 -5.13 -19.22
CA SER A 245 8.14 -6.25 -19.55
C SER A 245 8.93 -7.53 -19.83
N ALA A 246 10.06 -7.42 -20.54
CA ALA A 246 10.91 -8.58 -20.86
C ALA A 246 11.36 -9.38 -19.64
N ASN A 247 11.64 -8.69 -18.53
CA ASN A 247 12.01 -9.34 -17.26
C ASN A 247 10.99 -10.36 -16.76
N TYR A 248 9.71 -10.09 -16.98
CA TYR A 248 8.61 -11.00 -16.57
C TYR A 248 8.48 -12.26 -17.44
N CYS A 249 9.23 -12.35 -18.54
CA CYS A 249 9.38 -13.60 -19.28
C CYS A 249 10.08 -14.68 -18.47
N HIS A 250 10.97 -14.27 -17.56
CA HIS A 250 11.76 -15.17 -16.72
C HIS A 250 12.60 -16.11 -17.58
N THR A 251 13.31 -15.48 -18.51
CA THR A 251 14.35 -16.14 -19.29
C THR A 251 15.60 -16.24 -18.45
N SER A 252 16.57 -17.00 -18.97
CA SER A 252 17.83 -17.26 -18.27
C SER A 252 18.79 -17.81 -19.29
N GLN A 253 20.01 -18.14 -18.88
CA GLN A 253 20.92 -18.88 -19.75
C GLN A 253 20.35 -20.28 -20.00
N GLY A 254 19.59 -20.80 -19.02
CA GLY A 254 18.91 -22.09 -19.11
C GLY A 254 17.60 -22.16 -19.89
N ASP A 255 17.20 -21.08 -20.61
CA ASP A 255 16.00 -21.03 -21.65
C ASP A 255 15.63 -19.48 -22.20
N PRO A 256 16.60 -18.70 -22.80
CA PRO A 256 16.23 -17.32 -23.18
C PRO A 256 15.42 -17.04 -24.45
N ILE A 257 14.57 -17.98 -24.90
CA ILE A 257 13.56 -17.64 -25.89
C ILE A 257 12.32 -17.23 -25.12
N GLY A 258 11.89 -15.98 -25.29
CA GLY A 258 10.73 -15.45 -24.59
C GLY A 258 9.70 -14.83 -25.53
N LEU A 259 8.48 -14.71 -25.03
CA LEU A 259 7.36 -14.09 -25.74
C LEU A 259 6.91 -12.84 -24.99
N ILE A 260 6.48 -11.83 -25.76
CA ILE A 260 6.01 -10.57 -25.21
C ILE A 260 4.91 -10.01 -26.10
N LEU A 261 3.93 -9.36 -25.47
CA LEU A 261 2.80 -8.78 -26.18
C LEU A 261 2.97 -7.29 -26.39
N LEU A 262 2.39 -6.78 -27.48
CA LEU A 262 2.13 -5.35 -27.65
C LEU A 262 0.64 -5.21 -27.75
N GLY A 263 0.02 -4.57 -26.76
CA GLY A 263 -1.43 -4.37 -26.73
C GLY A 263 -1.81 -2.92 -26.80
N GLU A 264 -3.00 -2.65 -27.34
CA GLU A 264 -3.60 -1.32 -27.30
C GLU A 264 -4.39 -1.18 -26.00
N VAL A 265 -3.95 -0.25 -25.16
CA VAL A 265 -4.56 -0.03 -23.85
C VAL A 265 -5.23 1.34 -23.81
N ALA A 266 -6.53 1.33 -23.49
CA ALA A 266 -7.31 2.57 -23.38
C ALA A 266 -7.15 3.12 -21.97
N LEU A 267 -6.19 4.03 -21.82
CA LEU A 267 -5.83 4.58 -20.52
C LEU A 267 -6.78 5.69 -20.09
N GLY A 268 -7.19 6.54 -21.03
CA GLY A 268 -8.08 7.66 -20.72
C GLY A 268 -7.44 8.61 -19.71
N ASN A 269 -8.29 9.16 -18.84
CA ASN A 269 -7.86 9.92 -17.66
C ASN A 269 -7.10 9.04 -16.66
N MET A 270 -5.79 9.22 -16.60
CA MET A 270 -4.90 8.39 -15.78
C MET A 270 -4.84 8.90 -14.34
N TYR A 271 -5.01 8.00 -13.38
CA TYR A 271 -4.83 8.29 -11.96
C TYR A 271 -3.38 8.03 -11.62
N GLU A 272 -2.60 9.11 -11.49
CA GLU A 272 -1.16 9.02 -11.36
C GLU A 272 -0.73 8.79 -9.91
N LEU A 273 0.17 7.83 -9.71
CA LEU A 273 0.61 7.42 -8.36
C LEU A 273 2.12 7.17 -8.32
N LYS A 274 2.72 7.51 -7.19
CA LYS A 274 4.16 7.37 -6.96
C LYS A 274 4.55 6.14 -6.15
N HIS A 275 3.58 5.57 -5.42
CA HIS A 275 3.85 4.48 -4.48
C HIS A 275 2.68 3.51 -4.48
N ALA A 276 2.89 2.35 -3.86
CA ALA A 276 1.91 1.27 -3.85
C ALA A 276 0.54 1.72 -3.32
N SER A 277 -0.51 1.24 -3.96
CA SER A 277 -1.88 1.55 -3.56
C SER A 277 -2.79 0.37 -3.94
N HIS A 278 -3.21 -0.40 -2.93
CA HIS A 278 -3.89 -1.67 -3.15
C HIS A 278 -5.40 -1.49 -3.26
N ILE A 279 -5.82 -0.92 -4.38
CA ILE A 279 -7.22 -0.56 -4.63
C ILE A 279 -7.94 -1.65 -5.43
N SER A 280 -9.24 -1.79 -5.19
CA SER A 280 -10.09 -2.70 -5.99
C SER A 280 -11.10 -1.93 -6.85
N LYS A 281 -10.94 -0.61 -6.95
CA LYS A 281 -11.75 0.25 -7.81
C LYS A 281 -11.14 1.64 -7.94
N LEU A 282 -11.22 2.22 -9.14
CA LEU A 282 -10.66 3.55 -9.41
C LEU A 282 -11.55 4.65 -8.82
N PRO A 283 -10.94 5.81 -8.48
CA PRO A 283 -11.78 6.97 -8.15
C PRO A 283 -12.55 7.49 -9.36
N LYS A 284 -13.71 8.07 -9.10
CA LYS A 284 -14.66 8.49 -10.15
C LYS A 284 -14.00 9.34 -11.25
N GLY A 285 -14.31 9.00 -12.51
CA GLY A 285 -13.78 9.72 -13.67
C GLY A 285 -12.42 9.27 -14.21
N LYS A 286 -11.77 8.31 -13.53
CA LYS A 286 -10.47 7.77 -13.96
C LYS A 286 -10.66 6.40 -14.62
N HIS A 287 -9.98 6.18 -15.75
CA HIS A 287 -10.07 4.91 -16.47
C HIS A 287 -8.86 3.99 -16.28
N SER A 288 -7.74 4.52 -15.78
CA SER A 288 -6.53 3.74 -15.55
C SER A 288 -5.70 4.31 -14.40
N VAL A 289 -4.71 3.54 -13.94
CA VAL A 289 -3.64 4.03 -13.07
C VAL A 289 -2.35 4.10 -13.89
N LYS A 290 -1.59 5.20 -13.70
CA LYS A 290 -0.22 5.28 -14.17
C LYS A 290 0.72 5.32 -12.96
N GLY A 291 1.57 4.32 -12.82
CA GLY A 291 2.66 4.33 -11.86
C GLY A 291 3.77 5.19 -12.42
N LEU A 292 4.05 6.32 -11.78
CA LEU A 292 4.97 7.33 -12.34
C LEU A 292 6.42 6.89 -12.21
N GLY A 293 7.07 6.70 -13.36
CA GLY A 293 8.49 6.37 -13.41
C GLY A 293 9.39 7.59 -13.27
N LYS A 294 10.60 7.34 -12.77
CA LYS A 294 11.67 8.35 -12.75
C LYS A 294 12.11 8.64 -14.19
N THR A 295 12.27 7.58 -14.97
CA THR A 295 12.55 7.67 -16.41
C THR A 295 11.26 7.45 -17.22
N THR A 296 11.20 8.09 -18.39
CA THR A 296 10.08 7.92 -19.32
C THR A 296 10.56 8.07 -20.76
N PRO A 297 9.95 7.35 -21.73
CA PRO A 297 10.27 7.60 -23.15
C PRO A 297 9.97 9.03 -23.57
N ASP A 298 10.82 9.60 -24.41
CA ASP A 298 10.74 11.03 -24.76
C ASP A 298 9.38 11.38 -25.40
N PRO A 299 8.57 12.23 -24.72
CA PRO A 299 7.23 12.59 -25.24
C PRO A 299 7.22 13.23 -26.64
N SER A 300 8.27 13.98 -26.98
CA SER A 300 8.39 14.58 -28.31
C SER A 300 8.55 13.55 -29.44
N ALA A 301 9.12 12.38 -29.12
CA ALA A 301 9.39 11.32 -30.11
C ALA A 301 8.26 10.29 -30.31
N ASN A 302 7.04 10.60 -29.86
CA ASN A 302 5.86 9.73 -30.08
C ASN A 302 5.51 9.57 -31.55
N ILE A 303 5.01 8.39 -31.89
CA ILE A 303 4.70 7.99 -33.26
C ILE A 303 3.37 7.23 -33.29
N SER A 304 2.62 7.40 -34.37
CA SER A 304 1.31 6.77 -34.53
C SER A 304 1.42 5.51 -35.39
N LEU A 305 0.73 4.44 -34.95
CA LEU A 305 0.56 3.21 -35.72
C LEU A 305 -0.90 2.81 -35.65
N ASP A 306 -1.60 2.91 -36.79
CA ASP A 306 -3.06 2.66 -36.86
C ASP A 306 -3.84 3.53 -35.85
N GLY A 307 -3.46 4.80 -35.75
CA GLY A 307 -4.11 5.76 -34.84
C GLY A 307 -3.90 5.53 -33.35
N VAL A 308 -2.85 4.78 -33.00
CA VAL A 308 -2.53 4.47 -31.60
C VAL A 308 -1.12 5.02 -31.34
N ASP A 309 -0.98 5.83 -30.30
CA ASP A 309 0.34 6.34 -29.90
C ASP A 309 1.30 5.20 -29.50
N VAL A 310 2.53 5.29 -30.01
CA VAL A 310 3.60 4.36 -29.67
C VAL A 310 4.71 5.19 -29.01
N PRO A 311 4.89 5.04 -27.68
CA PRO A 311 5.91 5.82 -26.98
C PRO A 311 7.30 5.17 -27.11
N LEU A 312 7.91 5.35 -28.28
CA LEU A 312 9.17 4.68 -28.64
C LEU A 312 10.42 5.59 -28.54
N GLY A 313 10.28 6.73 -27.86
CA GLY A 313 11.41 7.63 -27.64
C GLY A 313 12.43 7.01 -26.70
N THR A 314 13.66 7.52 -26.74
CA THR A 314 14.68 7.09 -25.79
C THR A 314 14.30 7.55 -24.39
N GLY A 315 14.65 6.74 -23.40
CA GLY A 315 14.36 7.07 -22.01
C GLY A 315 15.06 8.33 -21.55
N ILE A 316 14.28 9.25 -20.99
CA ILE A 316 14.79 10.48 -20.38
C ILE A 316 14.18 10.66 -18.99
N SER A 317 14.68 11.65 -18.25
CA SER A 317 14.12 12.01 -16.95
C SER A 317 12.66 12.49 -17.10
N SER A 318 11.84 12.15 -16.10
CA SER A 318 10.42 12.54 -16.07
C SER A 318 10.14 13.80 -15.25
N GLY A 319 11.05 14.15 -14.36
CA GLY A 319 10.86 15.24 -13.42
C GLY A 319 9.97 14.89 -12.23
N VAL A 320 9.90 13.60 -11.90
CA VAL A 320 9.15 13.11 -10.73
C VAL A 320 10.16 12.68 -9.68
N ASN A 321 9.94 13.12 -8.44
CA ASN A 321 10.99 13.07 -7.41
C ASN A 321 11.00 11.78 -6.59
N ASP A 322 10.10 11.68 -5.62
CA ASP A 322 10.20 10.62 -4.61
C ASP A 322 9.21 9.52 -4.98
N THR A 323 9.55 8.78 -6.02
CA THR A 323 8.72 7.69 -6.54
C THR A 323 9.38 6.34 -6.24
N SER A 324 8.54 5.32 -6.02
CA SER A 324 9.00 3.94 -5.91
C SER A 324 9.52 3.38 -7.23
N LEU A 325 9.02 3.92 -8.36
CA LEU A 325 9.24 3.31 -9.68
C LEU A 325 10.34 4.00 -10.49
N LEU A 326 11.29 3.19 -10.95
CA LEU A 326 12.30 3.64 -11.91
C LEU A 326 11.69 3.94 -13.28
N TYR A 327 10.69 3.14 -13.67
CA TYR A 327 10.05 3.26 -15.00
C TYR A 327 8.54 3.25 -14.88
N ASN A 328 7.88 3.74 -15.93
CA ASN A 328 6.42 3.83 -15.95
C ASN A 328 5.73 2.47 -15.88
N GLU A 329 4.46 2.52 -15.54
CA GLU A 329 3.67 1.34 -15.30
C GLU A 329 2.22 1.74 -15.50
N TYR A 330 1.48 0.91 -16.24
CA TYR A 330 0.10 1.24 -16.61
C TYR A 330 -0.83 0.10 -16.21
N ILE A 331 -1.91 0.43 -15.50
CA ILE A 331 -2.86 -0.58 -15.02
C ILE A 331 -4.30 -0.20 -15.40
N VAL A 332 -5.03 -1.17 -15.96
CA VAL A 332 -6.47 -1.02 -16.21
C VAL A 332 -7.26 -2.12 -15.46
N TYR A 333 -8.49 -1.78 -15.08
CA TYR A 333 -9.31 -2.59 -14.17
C TYR A 333 -10.63 -3.07 -14.80
N ASP A 334 -10.72 -2.96 -16.13
CA ASP A 334 -11.79 -3.54 -16.94
C ASP A 334 -11.07 -4.23 -18.10
N ILE A 335 -11.34 -5.51 -18.30
CA ILE A 335 -10.67 -6.30 -19.35
C ILE A 335 -11.04 -5.84 -20.77
N ALA A 336 -12.18 -5.16 -20.89
CA ALA A 336 -12.60 -4.53 -22.14
C ALA A 336 -11.73 -3.39 -22.64
N GLN A 337 -10.83 -2.86 -21.79
CA GLN A 337 -9.92 -1.78 -22.18
C GLN A 337 -8.62 -2.24 -22.85
N VAL A 338 -8.49 -3.55 -23.13
CA VAL A 338 -7.30 -4.10 -23.79
C VAL A 338 -7.69 -4.75 -25.12
N ASN A 339 -6.95 -4.39 -26.16
CA ASN A 339 -7.02 -5.06 -27.45
C ASN A 339 -5.60 -5.45 -27.85
N LEU A 340 -5.29 -6.74 -27.76
CA LEU A 340 -3.96 -7.26 -28.06
C LEU A 340 -3.73 -7.26 -29.56
N LYS A 341 -2.64 -6.62 -29.98
CA LYS A 341 -2.35 -6.35 -31.38
C LYS A 341 -1.19 -7.18 -31.93
N TYR A 342 -0.12 -7.33 -31.15
CA TYR A 342 1.03 -8.15 -31.59
C TYR A 342 1.55 -9.08 -30.50
N LEU A 343 2.29 -10.08 -30.95
CA LEU A 343 3.05 -11.00 -30.11
C LEU A 343 4.44 -11.10 -30.74
N LEU A 344 5.48 -10.91 -29.93
CA LEU A 344 6.87 -10.98 -30.41
C LEU A 344 7.54 -12.17 -29.76
N LYS A 345 8.33 -12.91 -30.55
CA LYS A 345 9.21 -13.94 -30.02
C LYS A 345 10.61 -13.34 -29.97
N LEU A 346 11.23 -13.40 -28.79
CA LEU A 346 12.46 -12.66 -28.49
C LEU A 346 13.64 -13.56 -28.11
N LYS A 347 14.81 -13.06 -28.48
CA LYS A 347 16.07 -13.75 -28.36
C LYS A 347 16.87 -12.94 -27.31
N PHE A 348 16.98 -13.46 -26.08
CA PHE A 348 17.71 -12.77 -24.99
C PHE A 348 19.21 -13.10 -25.00
N ASN A 349 20.05 -12.13 -25.40
CA ASN A 349 21.53 -12.28 -25.35
C ASN A 349 22.07 -11.92 -23.97
N PHE A 350 22.16 -12.92 -23.10
CA PHE A 350 22.74 -12.71 -21.76
C PHE A 350 24.25 -12.53 -21.87
N LYS A 351 24.76 -11.44 -21.28
CA LYS A 351 26.20 -11.15 -21.25
C LYS A 351 26.82 -11.45 -19.87
N THR A 352 26.27 -12.44 -19.16
CA THR A 352 26.73 -12.81 -17.82
C THR A 352 26.64 -14.33 -17.65
N HIS B 1 5.99 31.52 45.60
CA HIS B 1 5.26 32.04 44.39
C HIS B 1 3.78 32.28 44.68
N MET B 2 3.09 32.93 43.74
CA MET B 2 1.69 33.34 43.91
C MET B 2 0.68 32.17 44.01
N LYS B 3 1.09 30.96 43.61
CA LYS B 3 0.38 29.70 43.92
C LYS B 3 -0.73 29.31 42.92
N SER B 4 -1.08 30.20 41.98
CA SER B 4 -1.98 29.89 40.84
C SER B 4 -3.45 29.67 41.22
N LYS B 5 -4.33 30.29 40.45
CA LYS B 5 -5.78 30.22 40.67
C LYS B 5 -6.51 29.37 39.61
N LEU B 6 -5.77 28.67 38.76
CA LEU B 6 -6.34 27.75 37.78
C LEU B 6 -6.98 26.56 38.50
N PRO B 7 -8.06 25.99 37.94
CA PRO B 7 -8.68 24.83 38.60
C PRO B 7 -7.70 23.66 38.80
N LYS B 8 -7.93 22.87 39.86
CA LYS B 8 -7.03 21.76 40.20
C LYS B 8 -6.85 20.74 39.07
N PRO B 9 -7.95 20.41 38.35
CA PRO B 9 -7.80 19.48 37.21
C PRO B 9 -6.94 20.04 36.06
N VAL B 10 -7.09 21.33 35.77
CA VAL B 10 -6.24 22.00 34.78
C VAL B 10 -4.78 22.05 35.27
N GLN B 11 -4.57 22.26 36.58
CA GLN B 11 -3.22 22.22 37.16
C GLN B 11 -2.57 20.84 37.08
N ASP B 12 -3.36 19.79 37.32
CA ASP B 12 -2.88 18.39 37.18
C ASP B 12 -2.53 18.05 35.74
N LEU B 13 -3.39 18.47 34.81
CA LEU B 13 -3.11 18.35 33.38
C LEU B 13 -1.77 18.96 32.98
N ILE B 14 -1.48 20.16 33.50
CA ILE B 14 -0.23 20.86 33.18
C ILE B 14 0.98 20.12 33.74
N LYS B 15 0.91 19.64 34.98
CA LYS B 15 1.97 18.78 35.55
C LYS B 15 2.24 17.55 34.68
N MET B 16 1.17 16.91 34.24
CA MET B 16 1.24 15.66 33.49
C MET B 16 2.01 15.83 32.17
N ILE B 17 1.62 16.82 31.39
CA ILE B 17 2.18 17.02 30.04
C ILE B 17 3.60 17.61 30.03
N PHE B 18 3.93 18.44 31.02
CA PHE B 18 5.27 19.03 31.12
C PHE B 18 6.25 18.24 32.00
N ASP B 19 5.87 17.03 32.40
CA ASP B 19 6.74 16.15 33.20
C ASP B 19 7.95 15.67 32.38
N VAL B 20 9.14 16.17 32.75
CA VAL B 20 10.41 15.85 32.07
C VAL B 20 10.79 14.37 32.18
N GLU B 21 10.49 13.73 33.31
CA GLU B 21 10.79 12.31 33.49
C GLU B 21 9.92 11.38 32.65
N SER B 22 8.67 11.78 32.41
CA SER B 22 7.79 11.03 31.50
C SER B 22 8.35 11.05 30.08
N MET B 23 8.91 12.18 29.69
CA MET B 23 9.59 12.32 28.39
C MET B 23 10.79 11.39 28.30
N LYS B 24 11.58 11.33 29.37
CA LYS B 24 12.71 10.41 29.46
C LYS B 24 12.24 8.96 29.44
N LYS B 25 11.19 8.65 30.20
CA LYS B 25 10.61 7.31 30.24
C LYS B 25 10.01 6.89 28.90
N ALA B 26 9.47 7.84 28.13
CA ALA B 26 8.99 7.56 26.77
C ALA B 26 10.12 7.18 25.81
N MET B 27 11.29 7.79 25.97
CA MET B 27 12.47 7.48 25.16
C MET B 27 13.09 6.12 25.45
N VAL B 28 13.08 5.67 26.72
CA VAL B 28 13.61 4.34 27.04
C VAL B 28 12.70 3.21 26.54
N GLU B 29 11.39 3.49 26.41
CA GLU B 29 10.46 2.54 25.75
C GLU B 29 10.80 2.31 24.29
N TYR B 30 11.38 3.32 23.63
CA TYR B 30 11.96 3.17 22.30
C TYR B 30 13.41 2.66 22.33
N GLU B 31 13.91 2.27 23.51
CA GLU B 31 15.26 1.77 23.71
C GLU B 31 16.34 2.76 23.26
N ILE B 32 16.08 4.05 23.45
CA ILE B 32 17.02 5.11 23.09
C ILE B 32 18.03 5.27 24.22
N ASP B 33 19.30 5.48 23.85
CA ASP B 33 20.39 5.63 24.82
C ASP B 33 20.46 7.08 25.31
N LEU B 34 20.01 7.30 26.55
CA LEU B 34 20.08 8.62 27.18
C LEU B 34 21.51 9.00 27.61
N GLN B 35 22.44 8.05 27.57
CA GLN B 35 23.87 8.35 27.70
C GLN B 35 24.36 9.16 26.51
N LYS B 36 24.09 8.66 25.31
CA LYS B 36 24.56 9.26 24.07
C LYS B 36 23.60 10.30 23.46
N MET B 37 22.30 10.08 23.62
CA MET B 37 21.26 11.00 23.15
C MET B 37 20.37 11.38 24.33
N PRO B 38 20.88 12.24 25.23
CA PRO B 38 20.02 12.77 26.29
C PRO B 38 18.98 13.76 25.76
N LEU B 39 17.90 13.93 26.51
CA LEU B 39 16.76 14.76 26.10
C LEU B 39 17.17 16.15 25.61
N GLY B 40 18.16 16.75 26.28
CA GLY B 40 18.68 18.07 25.91
C GLY B 40 19.34 18.17 24.53
N LYS B 41 19.99 17.09 24.09
CA LYS B 41 20.69 17.07 22.78
C LYS B 41 19.77 16.78 21.58
N LEU B 42 18.59 16.22 21.84
CA LEU B 42 17.59 15.91 20.80
C LEU B 42 17.14 17.16 20.05
N SER B 43 17.19 17.13 18.72
CA SER B 43 16.82 18.29 17.89
C SER B 43 15.97 17.92 16.67
N LYS B 44 15.34 18.95 16.10
CA LYS B 44 14.44 18.80 14.95
C LYS B 44 15.13 18.23 13.73
N ARG B 45 16.23 18.86 13.33
CA ARG B 45 16.90 18.50 12.08
C ARG B 45 17.73 17.21 12.13
N GLN B 46 17.88 16.62 13.32
CA GLN B 46 18.35 15.24 13.47
C GLN B 46 17.24 14.22 13.29
N ILE B 47 16.02 14.57 13.70
CA ILE B 47 14.84 13.76 13.44
C ILE B 47 14.53 13.79 11.93
N GLN B 48 14.66 14.96 11.30
CA GLN B 48 14.57 15.09 9.84
C GLN B 48 15.63 14.25 9.13
N ALA B 49 16.85 14.26 9.68
CA ALA B 49 17.94 13.43 9.16
C ALA B 49 17.61 11.94 9.25
N ALA B 50 17.04 11.55 10.38
CA ALA B 50 16.60 10.16 10.60
C ALA B 50 15.50 9.74 9.63
N TYR B 51 14.50 10.62 9.48
CA TYR B 51 13.44 10.45 8.47
C TYR B 51 14.01 10.27 7.06
N SER B 52 15.07 11.01 6.73
CA SER B 52 15.72 10.92 5.41
C SER B 52 16.40 9.58 5.17
N ILE B 53 17.02 9.02 6.22
CA ILE B 53 17.60 7.67 6.17
C ILE B 53 16.48 6.66 5.92
N LEU B 54 15.42 6.77 6.71
CA LEU B 54 14.20 5.96 6.54
C LEU B 54 13.61 6.07 5.13
N SER B 55 13.63 7.27 4.58
CA SER B 55 13.21 7.49 3.19
C SER B 55 14.16 6.83 2.18
N GLU B 56 15.47 6.87 2.47
CA GLU B 56 16.45 6.15 1.65
C GLU B 56 16.27 4.62 1.71
N VAL B 57 15.91 4.10 2.89
CA VAL B 57 15.58 2.68 3.03
C VAL B 57 14.36 2.34 2.18
N GLN B 58 13.28 3.10 2.34
CA GLN B 58 12.07 2.97 1.50
C GLN B 58 12.41 2.78 0.02
N GLN B 59 13.34 3.59 -0.47
CA GLN B 59 13.76 3.59 -1.89
C GLN B 59 14.41 2.28 -2.34
N ALA B 60 15.27 1.72 -1.49
CA ALA B 60 15.89 0.43 -1.76
C ALA B 60 14.93 -0.74 -1.52
N VAL B 61 14.17 -0.69 -0.42
CA VAL B 61 13.17 -1.72 -0.09
C VAL B 61 12.16 -1.90 -1.24
N SER B 62 11.85 -0.81 -1.95
CA SER B 62 10.98 -0.85 -3.13
C SER B 62 11.51 -1.69 -4.31
N GLN B 63 12.84 -1.86 -4.39
CA GLN B 63 13.49 -2.46 -5.55
C GLN B 63 14.44 -3.65 -5.25
N GLY B 64 14.29 -4.27 -4.08
CA GLY B 64 15.04 -5.49 -3.74
C GLY B 64 16.56 -5.37 -3.81
N SER B 66 18.64 -6.34 -1.73
CA SER B 66 19.95 -6.40 -1.12
C SER B 66 19.93 -5.80 0.28
N ASP B 67 20.06 -6.66 1.29
CA ASP B 67 20.34 -6.22 2.67
C ASP B 67 21.78 -5.65 2.81
N SER B 68 22.62 -5.82 1.78
CA SER B 68 23.95 -5.18 1.70
C SER B 68 23.83 -3.66 1.80
N GLN B 69 22.99 -3.11 0.94
CA GLN B 69 22.77 -1.66 0.85
C GLN B 69 21.90 -1.16 2.03
N ILE B 70 20.99 -2.01 2.50
CA ILE B 70 20.14 -1.71 3.64
C ILE B 70 20.88 -1.78 4.99
N LEU B 71 21.90 -2.62 5.11
CA LEU B 71 22.74 -2.64 6.33
C LEU B 71 23.34 -1.27 6.58
N ASP B 72 24.00 -0.73 5.56
CA ASP B 72 24.63 0.59 5.62
C ASP B 72 23.63 1.62 6.15
N LEU B 73 22.44 1.62 5.58
CA LEU B 73 21.39 2.58 5.94
C LEU B 73 20.87 2.34 7.36
N SER B 74 20.64 1.07 7.70
CA SER B 74 20.22 0.68 9.04
C SER B 74 21.26 1.05 10.10
N ASN B 75 22.54 0.82 9.77
CA ASN B 75 23.67 1.27 10.61
C ASN B 75 23.69 2.77 10.88
N ARG B 76 23.55 3.56 9.82
CA ARG B 76 23.54 5.01 9.91
C ARG B 76 22.41 5.52 10.81
N PHE B 77 21.23 4.91 10.70
CA PHE B 77 20.08 5.26 11.53
C PHE B 77 20.35 5.15 13.04
N TYR B 78 20.98 4.05 13.43
CA TYR B 78 21.31 3.80 14.84
C TYR B 78 22.53 4.59 15.32
N THR B 79 23.28 5.16 14.39
CA THR B 79 24.31 6.16 14.69
C THR B 79 23.66 7.54 14.87
N LEU B 80 22.73 7.89 13.97
CA LEU B 80 21.98 9.16 14.07
C LEU B 80 21.18 9.24 15.35
N ILE B 81 20.50 8.16 15.69
CA ILE B 81 19.71 8.05 16.91
C ILE B 81 20.33 6.92 17.75
N PRO B 82 21.27 7.27 18.66
CA PRO B 82 21.93 6.24 19.49
C PRO B 82 20.95 5.46 20.36
N HIS B 83 20.83 4.16 20.10
CA HIS B 83 19.92 3.30 20.85
C HIS B 83 20.65 2.50 21.94
N ASP B 84 19.99 2.32 23.08
CA ASP B 84 20.50 1.51 24.19
C ASP B 84 20.15 0.05 24.01
N PHE B 85 20.72 -0.53 22.97
CA PHE B 85 21.08 -1.92 22.96
C PHE B 85 22.51 -1.98 23.53
N GLY B 86 23.18 -0.82 23.59
CA GLY B 86 24.44 -0.63 24.30
C GLY B 86 25.56 -0.69 23.29
N MET B 87 26.33 -1.78 23.36
CA MET B 87 27.29 -2.16 22.32
C MET B 87 26.73 -3.36 21.53
N LYS B 88 25.41 -3.49 21.61
CA LYS B 88 24.48 -3.80 20.50
C LYS B 88 24.87 -4.62 19.21
N PRO B 90 22.21 -3.93 16.72
CA PRO B 90 20.78 -4.13 16.95
C PRO B 90 19.99 -4.76 15.80
N PRO B 91 18.65 -4.94 15.98
CA PRO B 91 17.75 -5.41 14.92
C PRO B 91 17.74 -4.57 13.63
N LEU B 92 17.85 -5.25 12.49
CA LEU B 92 17.97 -4.62 11.17
C LEU B 92 16.66 -3.95 10.72
N LEU B 93 16.78 -3.00 9.79
CA LEU B 93 15.63 -2.26 9.23
C LEU B 93 15.46 -2.60 7.75
N ASN B 94 15.06 -3.83 7.48
CA ASN B 94 15.02 -4.40 6.12
C ASN B 94 13.62 -4.73 5.60
N ASN B 95 12.60 -4.10 6.20
CA ASN B 95 11.19 -4.39 5.86
C ASN B 95 10.28 -3.21 6.18
N ALA B 96 9.05 -3.29 5.68
CA ALA B 96 8.05 -2.24 5.91
C ALA B 96 7.66 -2.10 7.38
N ASP B 97 7.61 -3.22 8.12
CA ASP B 97 7.28 -3.21 9.56
C ASP B 97 8.23 -2.36 10.37
N SER B 98 9.52 -2.50 10.08
CA SER B 98 10.58 -1.73 10.75
C SER B 98 10.50 -0.25 10.41
N VAL B 99 10.31 0.06 9.13
CA VAL B 99 10.20 1.46 8.66
C VAL B 99 9.01 2.15 9.35
N GLN B 100 7.85 1.49 9.32
CA GLN B 100 6.63 1.99 9.98
C GLN B 100 6.87 2.23 11.47
N ALA B 101 7.54 1.28 12.12
CA ALA B 101 7.83 1.35 13.55
C ALA B 101 8.72 2.54 13.93
N LYS B 102 9.81 2.72 13.20
CA LYS B 102 10.74 3.84 13.43
C LYS B 102 10.16 5.19 12.97
N ALA B 103 9.36 5.17 11.90
CA ALA B 103 8.64 6.38 11.46
C ALA B 103 7.66 6.87 12.53
N GLU B 104 6.96 5.95 13.18
CA GLU B 104 6.10 6.29 14.29
C GLU B 104 6.89 6.77 15.50
N MET B 105 8.05 6.17 15.77
CA MET B 105 8.93 6.65 16.84
C MET B 105 9.32 8.11 16.61
N LEU B 106 9.80 8.41 15.40
CA LEU B 106 10.22 9.77 15.05
C LEU B 106 9.09 10.81 15.10
N ASP B 107 7.85 10.38 14.85
CA ASP B 107 6.66 11.25 15.04
C ASP B 107 6.53 11.66 16.50
N ASN B 108 6.71 10.70 17.39
CA ASN B 108 6.70 10.97 18.81
C ASN B 108 7.87 11.84 19.26
N LEU B 109 9.07 11.55 18.75
CA LEU B 109 10.25 12.37 19.07
C LEU B 109 10.10 13.83 18.67
N LEU B 110 9.47 14.10 17.53
CA LEU B 110 9.13 15.48 17.11
C LEU B 110 8.34 16.21 18.19
N ASP B 111 7.27 15.58 18.66
CA ASP B 111 6.41 16.16 19.70
C ASP B 111 7.12 16.30 21.05
N ILE B 112 8.01 15.36 21.36
CA ILE B 112 8.83 15.44 22.58
C ILE B 112 9.84 16.60 22.49
N GLU B 113 10.46 16.77 21.32
CA GLU B 113 11.40 17.87 21.11
C GLU B 113 10.72 19.24 21.26
N VAL B 114 9.51 19.37 20.71
CA VAL B 114 8.74 20.62 20.83
C VAL B 114 8.40 20.93 22.29
N ALA B 115 7.98 19.90 23.02
CA ALA B 115 7.61 20.03 24.43
C ALA B 115 8.79 20.53 25.28
N TYR B 116 9.94 19.88 25.12
CA TYR B 116 11.13 20.23 25.88
C TYR B 116 11.68 21.62 25.52
N SER B 117 11.66 21.97 24.23
CA SER B 117 12.12 23.28 23.78
C SER B 117 11.16 24.42 24.16
N LEU B 118 9.87 24.10 24.34
CA LEU B 118 8.94 25.03 24.99
C LEU B 118 9.32 25.28 26.45
N LEU B 119 9.52 24.20 27.19
CA LEU B 119 9.85 24.25 28.62
C LEU B 119 11.13 25.04 28.91
N ARG B 120 12.15 24.88 28.05
CA ARG B 120 13.42 25.61 28.17
C ARG B 120 13.48 26.84 27.23
N GLY B 121 12.36 27.53 27.10
CA GLY B 121 12.29 28.80 26.34
C GLY B 121 11.27 29.75 26.97
N GLY B 122 11.22 30.97 26.45
CA GLY B 122 10.27 31.99 26.92
C GLY B 122 10.87 32.93 27.95
N SER B 123 10.48 32.76 29.21
CA SER B 123 10.87 33.69 30.28
C SER B 123 10.85 33.06 31.69
N ASP B 124 11.99 33.14 32.38
CA ASP B 124 12.09 32.75 33.79
C ASP B 124 11.42 33.82 34.66
N ASP B 125 10.78 33.37 35.75
CA ASP B 125 10.21 34.26 36.76
C ASP B 125 9.97 33.45 38.05
N SER B 126 10.72 33.77 39.10
CA SER B 126 10.55 33.14 40.41
C SER B 126 9.27 33.59 41.12
N SER B 127 8.72 34.75 40.75
CA SER B 127 7.50 35.30 41.34
C SER B 127 6.19 34.93 40.60
N LYS B 128 6.22 33.85 39.81
CA LYS B 128 5.02 33.24 39.25
C LYS B 128 5.07 31.74 39.49
N ASP B 129 3.89 31.11 39.60
CA ASP B 129 3.81 29.66 39.73
C ASP B 129 4.22 29.06 38.38
N PRO B 130 5.23 28.14 38.37
CA PRO B 130 5.59 27.52 37.09
C PRO B 130 4.44 26.85 36.33
N ILE B 131 3.42 26.39 37.05
CA ILE B 131 2.18 25.88 36.45
C ILE B 131 1.50 26.97 35.60
N ASP B 132 1.46 28.20 36.11
CA ASP B 132 0.93 29.34 35.34
C ASP B 132 1.80 29.66 34.11
N VAL B 133 3.12 29.68 34.31
CA VAL B 133 4.07 29.98 33.22
C VAL B 133 3.94 28.95 32.10
N ASN B 134 3.88 27.66 32.47
CA ASN B 134 3.72 26.58 31.50
C ASN B 134 2.34 26.54 30.85
N TYR B 135 1.31 26.99 31.55
CA TYR B 135 -0.02 27.15 30.96
C TYR B 135 0.00 28.21 29.87
N GLU B 136 0.56 29.39 30.17
CA GLU B 136 0.70 30.47 29.17
C GLU B 136 1.39 29.95 27.90
N LYS B 137 2.46 29.18 28.08
CA LYS B 137 3.25 28.60 26.97
C LYS B 137 2.43 27.81 25.95
N LEU B 138 1.38 27.14 26.41
CA LEU B 138 0.52 26.35 25.53
C LEU B 138 -0.32 27.17 24.53
N LYS B 139 -0.53 28.46 24.82
CA LYS B 139 -1.32 29.36 23.94
C LYS B 139 -2.68 28.74 23.61
N THR B 140 -3.34 28.27 24.66
CA THR B 140 -4.57 27.49 24.55
C THR B 140 -5.44 27.76 25.76
N ASP B 141 -6.69 28.15 25.53
CA ASP B 141 -7.69 28.24 26.58
C ASP B 141 -8.11 26.82 26.97
N ILE B 142 -8.02 26.49 28.26
CA ILE B 142 -8.46 25.18 28.78
C ILE B 142 -9.41 25.39 29.97
N LYS B 143 -10.68 25.03 29.77
CA LYS B 143 -11.71 25.10 30.79
C LYS B 143 -12.15 23.69 31.15
N VAL B 144 -12.62 23.48 32.38
CA VAL B 144 -13.15 22.17 32.81
C VAL B 144 -14.64 22.10 32.48
N VAL B 145 -15.04 21.07 31.73
CA VAL B 145 -16.44 20.84 31.40
C VAL B 145 -17.16 20.29 32.64
N ASP B 146 -18.37 20.77 32.89
CA ASP B 146 -19.18 20.35 34.03
C ASP B 146 -19.69 18.92 33.81
N ARG B 147 -19.54 18.06 34.83
CA ARG B 147 -19.98 16.66 34.74
C ARG B 147 -21.48 16.48 34.45
N ASP B 148 -22.30 17.41 34.92
CA ASP B 148 -23.76 17.34 34.75
C ASP B 148 -24.26 17.91 33.41
N SER B 149 -23.39 18.59 32.66
CA SER B 149 -23.79 19.22 31.40
C SER B 149 -24.17 18.21 30.32
N GLU B 150 -24.84 18.72 29.28
CA GLU B 150 -25.32 17.90 28.16
C GLU B 150 -24.15 17.41 27.30
N GLU B 151 -23.24 18.32 26.98
CA GLU B 151 -22.00 17.99 26.25
C GLU B 151 -21.13 16.94 26.96
N ALA B 152 -21.14 16.95 28.29
CA ALA B 152 -20.49 15.91 29.09
C ALA B 152 -21.19 14.56 28.98
N GLU B 153 -22.53 14.57 28.99
CA GLU B 153 -23.32 13.34 28.85
C GLU B 153 -23.12 12.67 27.49
N ILE B 154 -23.01 13.49 26.44
CA ILE B 154 -22.74 13.01 25.08
C ILE B 154 -21.34 12.41 24.98
N ILE B 155 -20.36 13.12 25.54
CA ILE B 155 -18.97 12.68 25.55
C ILE B 155 -18.80 11.32 26.25
N ARG B 156 -19.43 11.16 27.42
CA ARG B 156 -19.36 9.88 28.15
C ARG B 156 -20.02 8.72 27.39
N LYS B 157 -21.15 9.01 26.75
CA LYS B 157 -21.88 8.03 25.92
C LYS B 157 -21.05 7.60 24.71
N TYR B 158 -20.36 8.56 24.08
CA TYR B 158 -19.40 8.28 23.00
C TYR B 158 -18.35 7.26 23.46
N VAL B 159 -17.81 7.46 24.66
CA VAL B 159 -16.79 6.56 25.24
C VAL B 159 -17.37 5.17 25.55
N LYS B 160 -18.55 5.18 26.16
CA LYS B 160 -19.22 3.96 26.62
C LYS B 160 -19.56 2.99 25.48
N ASN B 161 -20.26 3.49 24.48
CA ASN B 161 -20.75 2.67 23.36
C ASN B 161 -19.67 2.21 22.40
N THR B 162 -18.67 3.05 22.15
CA THR B 162 -17.63 2.75 21.15
C THR B 162 -16.35 2.13 21.76
N HIS B 163 -16.51 1.24 22.73
CA HIS B 163 -15.40 0.48 23.32
C HIS B 163 -15.43 -0.96 22.78
N ALA B 164 -14.39 -1.34 22.03
CA ALA B 164 -14.38 -2.62 21.31
C ALA B 164 -14.07 -3.83 22.19
N THR B 165 -14.77 -4.94 21.93
CA THR B 165 -14.54 -6.22 22.59
C THR B 165 -13.13 -6.80 22.33
N THR B 166 -12.58 -6.55 21.15
CA THR B 166 -11.19 -6.97 20.83
C THR B 166 -10.17 -6.24 21.70
N HIS B 167 -10.48 -4.98 22.04
CA HIS B 167 -9.68 -4.17 22.97
C HIS B 167 -10.27 -4.22 24.39
N ASN B 168 -10.63 -5.41 24.85
CA ASN B 168 -11.15 -5.60 26.23
C ASN B 168 -10.07 -5.95 27.26
N ALA B 169 -8.80 -5.79 26.89
CA ALA B 169 -7.68 -5.88 27.83
C ALA B 169 -7.72 -4.80 28.94
N TYR B 170 -8.57 -3.78 28.77
CA TYR B 170 -8.87 -2.79 29.81
C TYR B 170 -10.34 -2.31 29.73
N ASP B 171 -10.79 -1.58 30.75
CA ASP B 171 -11.96 -0.69 30.62
C ASP B 171 -11.60 0.73 31.09
N LEU B 172 -12.43 1.70 30.71
CA LEU B 172 -12.11 3.12 30.86
C LEU B 172 -13.00 3.84 31.88
N GLU B 173 -12.42 4.76 32.66
CA GLU B 173 -13.17 5.79 33.38
C GLU B 173 -12.83 7.14 32.77
N VAL B 174 -13.83 8.00 32.61
CA VAL B 174 -13.57 9.40 32.31
C VAL B 174 -13.26 10.12 33.62
N ILE B 175 -12.01 10.55 33.79
CA ILE B 175 -11.62 11.35 34.94
C ILE B 175 -12.08 12.79 34.70
N ASP B 176 -11.51 13.44 33.67
CA ASP B 176 -11.79 14.84 33.35
C ASP B 176 -12.14 14.99 31.88
N ILE B 177 -12.90 16.05 31.60
CA ILE B 177 -13.24 16.48 30.24
C ILE B 177 -12.96 17.97 30.18
N PHE B 178 -12.03 18.36 29.31
CA PHE B 178 -11.65 19.76 29.15
C PHE B 178 -12.17 20.29 27.82
N LYS B 179 -12.70 21.51 27.83
CA LYS B 179 -13.03 22.24 26.61
C LYS B 179 -11.80 23.03 26.25
N ILE B 180 -11.24 22.79 25.06
CA ILE B 180 -10.00 23.45 24.64
C ILE B 180 -10.20 24.31 23.38
N GLU B 181 -9.50 25.45 23.35
CA GLU B 181 -9.47 26.32 22.19
C GLU B 181 -8.05 26.81 21.99
N ARG B 182 -7.38 26.30 20.96
CA ARG B 182 -6.03 26.74 20.64
C ARG B 182 -6.09 28.13 20.05
N GLU B 183 -5.14 28.98 20.46
CA GLU B 183 -5.10 30.36 19.98
C GLU B 183 -4.91 30.37 18.45
N GLY B 184 -5.88 30.94 17.75
CA GLY B 184 -5.84 31.07 16.28
C GLY B 184 -6.48 29.95 15.47
N GLU B 185 -6.80 28.82 16.10
CA GLU B 185 -7.25 27.63 15.37
C GLU B 185 -8.67 27.76 14.80
N CYS B 186 -9.55 28.49 15.51
CA CYS B 186 -10.91 28.76 15.00
C CYS B 186 -10.91 29.66 13.74
N GLN B 187 -9.95 30.58 13.66
CA GLN B 187 -9.74 31.41 12.47
C GLN B 187 -9.25 30.55 11.30
N ARG B 188 -8.21 29.75 11.56
CA ARG B 188 -7.61 28.86 10.56
C ARG B 188 -8.59 27.80 10.02
N TYR B 189 -9.53 27.37 10.86
CA TYR B 189 -10.55 26.38 10.48
C TYR B 189 -11.74 26.99 9.71
N LYS B 190 -11.87 28.31 9.73
CA LYS B 190 -13.05 29.02 9.18
C LYS B 190 -13.40 28.68 7.71
N PRO B 191 -12.39 28.57 6.82
CA PRO B 191 -12.70 28.18 5.43
C PRO B 191 -13.38 26.81 5.26
N PHE B 192 -13.13 25.88 6.18
CA PHE B 192 -13.73 24.54 6.13
C PHE B 192 -14.93 24.37 7.06
N LYS B 193 -15.40 25.45 7.68
CA LYS B 193 -16.43 25.35 8.73
C LYS B 193 -17.81 24.94 8.19
N GLN B 194 -18.11 25.33 6.96
CA GLN B 194 -19.36 24.96 6.28
C GLN B 194 -19.11 24.04 5.08
N LEU B 195 -18.08 23.20 5.19
CA LEU B 195 -17.90 22.05 4.30
C LEU B 195 -18.70 20.90 4.92
N HIS B 196 -19.37 20.13 4.07
CA HIS B 196 -20.18 18.98 4.51
C HIS B 196 -19.38 17.86 5.22
N ASN B 197 -20.11 16.93 5.84
CA ASN B 197 -19.56 15.75 6.55
C ASN B 197 -18.54 16.09 7.66
N ARG B 198 -18.86 17.10 8.46
CA ARG B 198 -18.07 17.44 9.64
C ARG B 198 -18.44 16.48 10.76
N ARG B 199 -17.42 15.88 11.39
CA ARG B 199 -17.61 14.81 12.35
C ARG B 199 -16.70 15.00 13.57
N LEU B 200 -17.16 14.51 14.72
CA LEU B 200 -16.42 14.59 15.98
C LEU B 200 -15.72 13.25 16.22
N LEU B 201 -14.39 13.24 16.11
CA LEU B 201 -13.62 12.00 16.10
C LEU B 201 -12.47 12.00 17.10
N TRP B 202 -12.08 10.79 17.50
CA TRP B 202 -11.02 10.58 18.49
C TRP B 202 -9.63 10.69 17.88
N HIS B 203 -8.71 11.32 18.61
CA HIS B 203 -7.28 11.21 18.34
C HIS B 203 -6.54 11.03 19.65
N GLY B 204 -5.99 9.83 19.86
CA GLY B 204 -5.23 9.51 21.06
C GLY B 204 -3.74 9.59 20.81
N SER B 205 -3.01 10.07 21.81
CA SER B 205 -1.56 10.15 21.76
C SER B 205 -1.02 9.96 23.18
N ARG B 206 0.28 9.69 23.30
CA ARG B 206 0.88 9.58 24.63
C ARG B 206 0.99 10.96 25.25
N THR B 207 0.96 11.00 26.58
CA THR B 207 0.75 12.24 27.33
C THR B 207 1.89 13.23 27.14
N THR B 208 3.09 12.70 26.95
CA THR B 208 4.27 13.52 26.65
C THR B 208 4.11 14.41 25.39
N ASN B 209 3.35 13.92 24.41
CA ASN B 209 3.13 14.64 23.15
C ASN B 209 2.20 15.86 23.20
N PHE B 210 1.40 15.99 24.26
CA PHE B 210 0.31 16.99 24.29
C PHE B 210 0.72 18.46 24.44
N ALA B 211 1.91 18.70 24.99
CA ALA B 211 2.47 20.06 24.99
C ALA B 211 2.67 20.52 23.55
N GLY B 212 3.24 19.63 22.73
CA GLY B 212 3.41 19.87 21.30
C GLY B 212 2.09 19.99 20.58
N ILE B 213 1.14 19.09 20.88
CA ILE B 213 -0.16 19.08 20.24
C ILE B 213 -0.96 20.36 20.56
N LEU B 214 -0.98 20.78 21.82
CA LEU B 214 -1.72 22.00 22.21
C LEU B 214 -1.02 23.31 21.82
N SER B 215 0.31 23.30 21.67
CA SER B 215 1.02 24.47 21.20
C SER B 215 0.95 24.59 19.68
N GLN B 216 1.26 23.50 18.98
CA GLN B 216 1.37 23.49 17.51
C GLN B 216 0.15 22.92 16.75
N GLY B 217 -0.81 22.34 17.46
CA GLY B 217 -1.89 21.59 16.80
C GLY B 217 -1.40 20.23 16.32
N LEU B 218 -2.30 19.40 15.84
CA LEU B 218 -1.92 18.17 15.15
C LEU B 218 -1.36 18.58 13.79
N ARG B 219 -0.20 18.02 13.42
CA ARG B 219 0.49 18.37 12.18
C ARG B 219 0.65 17.17 11.25
N ILE B 220 1.08 17.46 10.03
CA ILE B 220 1.49 16.45 9.06
C ILE B 220 2.99 16.22 9.26
N ALA B 221 3.42 14.97 9.20
CA ALA B 221 4.85 14.63 9.24
C ALA B 221 5.61 15.41 8.16
N PRO B 222 6.89 15.76 8.41
CA PRO B 222 7.59 16.61 7.45
C PRO B 222 7.85 15.93 6.10
N PRO B 223 8.28 16.70 5.08
CA PRO B 223 8.61 16.13 3.76
C PRO B 223 9.64 14.99 3.80
N GLU B 224 10.59 15.07 4.73
CA GLU B 224 11.66 14.08 4.86
C GLU B 224 11.14 12.69 5.27
N ALA B 225 10.02 12.64 5.99
CA ALA B 225 9.43 11.39 6.45
C ALA B 225 8.95 10.54 5.26
N PRO B 226 9.12 9.20 5.34
CA PRO B 226 8.69 8.34 4.25
C PRO B 226 7.17 8.17 4.20
N VAL B 227 6.57 8.44 3.04
CA VAL B 227 5.14 8.21 2.84
C VAL B 227 4.76 6.72 2.96
N THR B 228 5.72 5.83 2.66
CA THR B 228 5.55 4.38 2.87
C THR B 228 5.41 3.97 4.35
N GLY B 229 5.95 4.78 5.26
CA GLY B 229 5.84 4.54 6.69
C GLY B 229 4.45 4.66 7.31
N TYR B 230 3.50 5.23 6.58
CA TYR B 230 2.14 5.46 7.07
C TYR B 230 1.14 4.81 6.12
N MET B 231 0.13 4.15 6.70
CA MET B 231 -0.82 3.33 5.93
C MET B 231 -1.55 4.12 4.84
N PHE B 232 -2.02 5.32 5.18
CA PHE B 232 -2.73 6.18 4.22
C PHE B 232 -1.99 7.48 3.93
N GLY B 233 -0.67 7.41 3.99
CA GLY B 233 0.19 8.54 3.68
C GLY B 233 0.30 9.55 4.80
N LYS B 234 0.93 10.68 4.51
CA LYS B 234 1.24 11.69 5.51
C LYS B 234 0.10 12.67 5.70
N GLY B 235 -0.85 12.28 6.54
CA GLY B 235 -1.98 13.12 6.94
C GLY B 235 -2.14 13.09 8.46
N ILE B 236 -3.28 13.58 8.93
CA ILE B 236 -3.63 13.55 10.35
C ILE B 236 -4.73 12.51 10.54
N TYR B 237 -4.47 11.52 11.38
CA TYR B 237 -5.32 10.33 11.51
C TYR B 237 -6.30 10.46 12.68
N PHE B 238 -7.54 10.02 12.45
CA PHE B 238 -8.58 9.99 13.49
C PHE B 238 -9.32 8.64 13.46
N ALA B 239 -10.17 8.43 14.47
CA ALA B 239 -11.01 7.24 14.56
C ALA B 239 -12.37 7.56 15.19
N ASP B 240 -13.37 6.71 14.89
CA ASP B 240 -14.71 6.83 15.48
C ASP B 240 -14.95 5.87 16.66
N MET B 241 -13.96 5.03 16.97
CA MET B 241 -13.98 4.15 18.13
C MET B 241 -12.93 4.62 19.13
N VAL B 242 -13.33 4.77 20.39
CA VAL B 242 -12.43 5.31 21.43
C VAL B 242 -11.27 4.36 21.76
N SER B 243 -11.51 3.06 21.72
CA SER B 243 -10.49 2.06 22.06
C SER B 243 -9.39 1.93 21.00
N LYS B 244 -9.73 2.19 19.74
CA LYS B 244 -8.72 2.25 18.67
C LYS B 244 -7.77 3.43 18.88
N SER B 245 -8.33 4.61 19.09
CA SER B 245 -7.53 5.81 19.42
C SER B 245 -6.79 5.66 20.75
N ALA B 246 -7.46 5.07 21.74
CA ALA B 246 -6.85 4.88 23.08
C ALA B 246 -5.60 4.00 23.07
N ASN B 247 -5.53 3.04 22.14
CA ASN B 247 -4.32 2.23 21.99
C ASN B 247 -3.06 3.04 21.64
N TYR B 248 -3.23 4.19 21.01
CA TYR B 248 -2.12 5.11 20.70
C TYR B 248 -1.69 6.02 21.87
N CYS B 249 -2.39 5.96 23.00
CA CYS B 249 -1.91 6.56 24.25
C CYS B 249 -0.68 5.84 24.79
N HIS B 250 -0.62 4.54 24.56
CA HIS B 250 0.43 3.67 25.09
C HIS B 250 0.54 3.79 26.62
N THR B 251 -0.58 3.48 27.27
CA THR B 251 -0.67 3.38 28.71
C THR B 251 -0.40 1.94 29.13
N SER B 252 -0.05 1.75 30.41
CA SER B 252 0.30 0.45 30.96
C SER B 252 -0.21 0.33 32.39
N GLN B 253 0.07 -0.80 33.04
CA GLN B 253 -0.15 -0.92 34.49
C GLN B 253 0.73 0.07 35.28
N GLY B 254 1.95 0.31 34.79
CA GLY B 254 2.88 1.28 35.37
C GLY B 254 2.37 2.71 35.38
N ASP B 255 1.65 3.09 34.33
CA ASP B 255 0.97 4.39 34.24
C ASP B 255 -0.34 4.23 33.48
N PRO B 256 -1.46 3.96 34.19
CA PRO B 256 -2.76 3.71 33.55
C PRO B 256 -3.62 4.95 33.27
N ILE B 257 -3.02 6.14 33.24
CA ILE B 257 -3.72 7.37 32.90
C ILE B 257 -3.30 7.81 31.50
N GLY B 258 -4.27 8.08 30.62
CA GLY B 258 -4.00 8.59 29.28
C GLY B 258 -4.76 9.86 28.95
N LEU B 259 -4.39 10.47 27.81
CA LEU B 259 -5.08 11.64 27.27
C LEU B 259 -5.50 11.37 25.83
N ILE B 260 -6.68 11.85 25.46
CA ILE B 260 -7.26 11.60 24.14
C ILE B 260 -8.09 12.81 23.68
N LEU B 261 -7.93 13.19 22.41
CA LEU B 261 -8.61 14.35 21.85
C LEU B 261 -9.95 14.01 21.23
N LEU B 262 -10.84 14.98 21.24
CA LEU B 262 -11.99 15.01 20.34
C LEU B 262 -11.83 16.26 19.49
N GLY B 263 -11.74 16.06 18.18
CA GLY B 263 -11.61 17.17 17.21
C GLY B 263 -12.77 17.20 16.21
N GLU B 264 -13.17 18.40 15.81
CA GLU B 264 -14.07 18.58 14.67
C GLU B 264 -13.22 18.45 13.41
N VAL B 265 -13.45 17.37 12.65
CA VAL B 265 -12.70 17.08 11.43
C VAL B 265 -13.60 17.33 10.23
N ALA B 266 -13.27 18.34 9.43
CA ALA B 266 -13.99 18.63 8.19
C ALA B 266 -13.59 17.63 7.12
N LEU B 267 -14.31 16.51 7.06
CA LEU B 267 -13.99 15.40 6.14
C LEU B 267 -14.36 15.70 4.68
N GLY B 268 -15.49 16.37 4.47
CA GLY B 268 -15.98 16.66 3.12
C GLY B 268 -16.35 15.40 2.36
N ASN B 269 -16.10 15.42 1.05
CA ASN B 269 -16.23 14.23 0.21
C ASN B 269 -15.08 13.27 0.52
N MET B 270 -15.42 12.09 1.03
CA MET B 270 -14.45 11.12 1.52
C MET B 270 -14.02 10.12 0.44
N TYR B 271 -12.71 9.97 0.23
CA TYR B 271 -12.17 8.91 -0.61
C TYR B 271 -12.05 7.64 0.23
N GLU B 272 -12.94 6.69 0.00
CA GLU B 272 -13.00 5.47 0.80
C GLU B 272 -11.98 4.45 0.30
N LEU B 273 -11.31 3.78 1.23
CA LEU B 273 -10.26 2.80 0.90
C LEU B 273 -10.25 1.63 1.89
N LYS B 274 -10.01 0.43 1.38
CA LYS B 274 -10.04 -0.80 2.19
C LYS B 274 -8.65 -1.32 2.60
N HIS B 275 -7.60 -0.90 1.88
CA HIS B 275 -6.23 -1.33 2.15
C HIS B 275 -5.28 -0.16 1.95
N ALA B 276 -4.04 -0.35 2.37
CA ALA B 276 -3.04 0.73 2.40
C ALA B 276 -2.85 1.38 1.04
N SER B 277 -2.85 2.70 1.04
CA SER B 277 -2.61 3.51 -0.16
C SER B 277 -1.73 4.70 0.24
N HIS B 278 -0.42 4.55 0.02
CA HIS B 278 0.55 5.55 0.47
C HIS B 278 0.55 6.75 -0.48
N ILE B 279 -0.25 7.76 -0.16
CA ILE B 279 -0.44 8.93 -1.05
C ILE B 279 -0.04 10.24 -0.35
N SER B 280 0.54 11.17 -1.11
CA SER B 280 0.87 12.51 -0.59
C SER B 280 -0.27 13.50 -0.83
N LYS B 281 -0.87 13.46 -2.02
CA LYS B 281 -2.05 14.25 -2.36
C LYS B 281 -3.27 13.36 -2.65
N LEU B 282 -4.44 13.98 -2.68
CA LEU B 282 -5.70 13.26 -2.92
C LEU B 282 -6.12 13.39 -4.37
N PRO B 283 -6.99 12.48 -4.86
CA PRO B 283 -7.67 12.75 -6.13
C PRO B 283 -8.52 14.03 -6.05
N LYS B 284 -8.61 14.73 -7.16
CA LYS B 284 -9.19 16.08 -7.20
C LYS B 284 -10.68 16.02 -6.84
N GLY B 285 -11.10 16.89 -5.93
CA GLY B 285 -12.49 16.93 -5.44
C GLY B 285 -12.78 16.07 -4.21
N LYS B 286 -11.76 15.38 -3.69
CA LYS B 286 -11.83 14.66 -2.41
C LYS B 286 -11.09 15.46 -1.36
N HIS B 287 -11.55 15.38 -0.11
CA HIS B 287 -10.95 16.16 1.00
C HIS B 287 -10.49 15.32 2.21
N SER B 288 -10.74 14.02 2.18
CA SER B 288 -10.30 13.11 3.25
C SER B 288 -10.30 11.67 2.75
N VAL B 289 -9.63 10.80 3.50
CA VAL B 289 -9.67 9.36 3.25
C VAL B 289 -10.44 8.72 4.39
N LYS B 290 -11.29 7.76 4.07
CA LYS B 290 -11.91 6.90 5.07
C LYS B 290 -11.39 5.48 4.89
N GLY B 291 -10.66 5.01 5.89
CA GLY B 291 -10.31 3.59 5.99
C GLY B 291 -11.55 2.86 6.46
N LEU B 292 -12.08 1.97 5.62
CA LEU B 292 -13.31 1.25 5.94
C LEU B 292 -13.01 0.08 6.87
N GLY B 293 -13.63 0.13 8.06
CA GLY B 293 -13.50 -0.94 9.05
C GLY B 293 -14.59 -1.98 8.91
N LYS B 294 -14.33 -3.15 9.47
CA LYS B 294 -15.27 -4.27 9.47
C LYS B 294 -16.43 -3.99 10.45
N THR B 295 -16.09 -3.42 11.60
CA THR B 295 -17.05 -2.95 12.60
C THR B 295 -17.15 -1.43 12.54
N THR B 296 -18.38 -0.89 12.60
CA THR B 296 -18.62 0.56 12.56
C THR B 296 -19.69 0.97 13.58
N PRO B 297 -19.62 2.21 14.09
CA PRO B 297 -20.75 2.75 14.86
C PRO B 297 -22.04 2.80 14.04
N ASP B 298 -23.17 2.50 14.69
CA ASP B 298 -24.47 2.44 14.03
C ASP B 298 -24.86 3.83 13.49
N PRO B 299 -25.03 3.96 12.16
CA PRO B 299 -25.40 5.27 11.58
C PRO B 299 -26.76 5.84 12.02
N SER B 300 -27.68 4.96 12.44
CA SER B 300 -28.99 5.38 12.95
C SER B 300 -28.91 6.09 14.30
N ALA B 301 -27.87 5.79 15.08
CA ALA B 301 -27.68 6.37 16.42
C ALA B 301 -26.76 7.61 16.46
N ASN B 302 -26.67 8.37 15.36
CA ASN B 302 -25.87 9.61 15.34
C ASN B 302 -26.60 10.76 16.05
N ILE B 303 -25.81 11.71 16.57
CA ILE B 303 -26.32 12.87 17.32
C ILE B 303 -25.51 14.11 16.94
N SER B 304 -26.18 15.26 16.94
CA SER B 304 -25.57 16.55 16.63
C SER B 304 -25.10 17.25 17.92
N LEU B 305 -23.84 17.68 17.96
CA LEU B 305 -23.28 18.50 19.04
C LEU B 305 -22.70 19.78 18.42
N ASP B 306 -23.35 20.91 18.68
CA ASP B 306 -22.98 22.21 18.08
C ASP B 306 -22.85 22.14 16.55
N GLY B 307 -23.78 21.42 15.91
CA GLY B 307 -23.78 21.22 14.46
C GLY B 307 -22.63 20.36 13.96
N VAL B 308 -22.35 19.26 14.66
CA VAL B 308 -21.31 18.30 14.27
C VAL B 308 -21.78 16.88 14.58
N ASP B 309 -21.53 15.95 13.64
CA ASP B 309 -21.93 14.55 13.83
C ASP B 309 -21.07 13.85 14.89
N VAL B 310 -21.73 13.06 15.72
CA VAL B 310 -21.05 12.26 16.73
C VAL B 310 -21.49 10.80 16.52
N PRO B 311 -20.63 9.99 15.87
CA PRO B 311 -20.99 8.60 15.63
C PRO B 311 -20.80 7.76 16.90
N LEU B 312 -21.73 7.92 17.84
CA LEU B 312 -21.63 7.29 19.17
C LEU B 312 -22.50 6.04 19.32
N GLY B 313 -22.89 5.44 18.19
CA GLY B 313 -23.62 4.16 18.21
C GLY B 313 -22.69 3.00 18.54
N THR B 314 -23.27 1.93 19.07
CA THR B 314 -22.52 0.70 19.38
C THR B 314 -22.07 -0.02 18.12
N GLY B 315 -21.07 -0.89 18.28
CA GLY B 315 -20.39 -1.52 17.15
C GLY B 315 -21.18 -2.59 16.41
N ILE B 316 -21.65 -2.24 15.21
CA ILE B 316 -22.29 -3.20 14.28
C ILE B 316 -21.40 -3.44 13.07
N SER B 317 -21.72 -4.46 12.29
CA SER B 317 -20.96 -4.80 11.07
C SER B 317 -21.26 -3.81 9.95
N SER B 318 -20.21 -3.32 9.29
CA SER B 318 -20.36 -2.34 8.20
C SER B 318 -20.90 -2.96 6.91
N GLY B 319 -20.65 -4.26 6.71
CA GLY B 319 -21.01 -4.94 5.47
C GLY B 319 -19.98 -4.82 4.37
N VAL B 320 -18.75 -4.44 4.72
CA VAL B 320 -17.61 -4.37 3.79
C VAL B 320 -16.89 -5.72 3.84
N ASN B 321 -16.63 -6.29 2.66
CA ASN B 321 -16.14 -7.67 2.55
C ASN B 321 -14.64 -7.82 2.84
N ASP B 322 -13.80 -7.45 1.86
CA ASP B 322 -12.35 -7.66 1.94
C ASP B 322 -11.64 -6.36 2.33
N THR B 323 -11.27 -6.26 3.60
CA THR B 323 -10.58 -5.08 4.14
C THR B 323 -9.53 -5.47 5.19
N SER B 324 -8.46 -4.69 5.25
CA SER B 324 -7.39 -4.88 6.23
C SER B 324 -7.85 -4.46 7.63
N LEU B 325 -8.57 -3.35 7.69
CA LEU B 325 -8.88 -2.68 8.94
C LEU B 325 -10.04 -3.33 9.70
N LEU B 326 -9.83 -3.55 11.00
CA LEU B 326 -10.89 -4.00 11.89
C LEU B 326 -11.87 -2.88 12.18
N TYR B 327 -11.36 -1.68 12.45
CA TYR B 327 -12.20 -0.50 12.74
C TYR B 327 -11.86 0.66 11.82
N ASN B 328 -12.74 1.65 11.82
CA ASN B 328 -12.63 2.79 10.90
C ASN B 328 -11.43 3.69 11.18
N GLU B 329 -11.15 4.53 10.18
CA GLU B 329 -9.99 5.41 10.18
C GLU B 329 -10.34 6.59 9.30
N TYR B 330 -9.99 7.80 9.73
CA TYR B 330 -10.27 9.01 8.96
C TYR B 330 -8.99 9.82 8.89
N ILE B 331 -8.60 10.24 7.68
CA ILE B 331 -7.35 10.97 7.48
C ILE B 331 -7.59 12.23 6.66
N VAL B 332 -6.94 13.32 7.08
CA VAL B 332 -6.99 14.61 6.38
C VAL B 332 -5.56 15.11 6.13
N TYR B 333 -5.36 15.75 4.98
CA TYR B 333 -4.03 16.10 4.49
C TYR B 333 -3.79 17.62 4.45
N ASP B 334 -4.69 18.38 5.08
CA ASP B 334 -4.48 19.80 5.38
C ASP B 334 -4.79 20.03 6.87
N ILE B 335 -3.85 20.68 7.56
CA ILE B 335 -3.96 20.90 9.01
C ILE B 335 -5.12 21.82 9.38
N ALA B 336 -5.52 22.68 8.45
CA ALA B 336 -6.67 23.57 8.62
C ALA B 336 -8.03 22.87 8.65
N GLN B 337 -8.10 21.58 8.32
CA GLN B 337 -9.36 20.82 8.39
C GLN B 337 -9.69 20.26 9.80
N VAL B 338 -8.90 20.66 10.81
CA VAL B 338 -9.07 20.17 12.17
C VAL B 338 -9.31 21.35 13.10
N ASN B 339 -10.38 21.24 13.90
CA ASN B 339 -10.63 22.14 15.03
C ASN B 339 -10.74 21.29 16.29
N LEU B 340 -9.72 21.37 17.14
CA LEU B 340 -9.68 20.59 18.39
C LEU B 340 -10.68 21.20 19.38
N LYS B 341 -11.60 20.37 19.86
CA LYS B 341 -12.68 20.85 20.74
C LYS B 341 -12.52 20.41 22.19
N TYR B 342 -12.25 19.12 22.43
CA TYR B 342 -12.08 18.61 23.79
C TYR B 342 -10.82 17.79 24.00
N LEU B 343 -10.50 17.60 25.28
CA LEU B 343 -9.40 16.75 25.72
C LEU B 343 -9.83 15.99 26.97
N LEU B 344 -9.86 14.66 26.87
CA LEU B 344 -10.30 13.80 27.97
C LEU B 344 -9.11 13.21 28.71
N LYS B 345 -9.23 13.09 30.03
CA LYS B 345 -8.29 12.32 30.84
C LYS B 345 -8.97 11.03 31.25
N LEU B 346 -8.33 9.91 30.94
CA LEU B 346 -8.92 8.59 31.10
C LEU B 346 -8.08 7.69 31.99
N LYS B 347 -8.75 6.91 32.82
CA LYS B 347 -8.12 5.84 33.60
C LYS B 347 -8.33 4.53 32.84
N PHE B 348 -7.26 3.76 32.71
CA PHE B 348 -7.30 2.45 32.06
C PHE B 348 -7.24 1.35 33.11
N ASN B 349 -8.36 0.69 33.36
CA ASN B 349 -8.45 -0.44 34.30
C ASN B 349 -8.17 -1.78 33.58
N PHE B 350 -6.93 -2.24 33.66
CA PHE B 350 -6.50 -3.48 32.98
C PHE B 350 -6.96 -4.73 33.75
N LYS B 351 -7.54 -5.69 33.02
CA LYS B 351 -8.13 -6.90 33.64
C LYS B 351 -7.28 -8.18 33.45
N THR B 352 -5.96 -8.02 33.31
CA THR B 352 -5.05 -9.13 33.04
C THR B 352 -3.85 -9.10 34.00
#